data_7WBU
#
_entry.id   7WBU
#
_cell.length_a   1.00
_cell.length_b   1.00
_cell.length_c   1.00
_cell.angle_alpha   90.00
_cell.angle_beta   90.00
_cell.angle_gamma   90.00
#
_symmetry.space_group_name_H-M   'P 1'
#
loop_
_entity.id
_entity.type
_entity.pdbx_description
1 polymer 'NACHT, LRR and PYD domains-containing protein 9'
2 non-polymer "ADENOSINE-5'-DIPHOSPHATE"
#
_entity_poly.entity_id   1
_entity_poly.type   'polypeptide(L)'
_entity_poly.pdbx_seq_one_letter_code
;HHHHHHDYKDDDDKLEVLFQGPEFRNEIRQKINPYRSHMKQKFQVLWEKEPCLLVPEDFYEETTKIEYELLSTVYLDAFK
PGESSPTVVLHGPEGIGKTTFLRKVMLEWAKGNLWRDRFSFVFFLTGREMNGVTDMSLVELLSRDWPESSEPIEDIFSQP
ERILFILDGMEELKFDLDCNADLCEDWEQPQSMQVVLQSLLQKQMLPECSLLLALSKMGMRKNYSLLKHMKCIFLLGFSE
HQRKLYFSHYFQEKDASSRAFSFVREKSSLFVLCQSPFLCWLVCTSLKCQLEKGEDLELDSETITGLYVSFFTKVFRSGS
ETCPLKQRRARLKSLCTLAAEGMWTCTFLFCPEDLRRNGVSESDTSMWLDMKLLHRSGDCLAFIHTCIQEFCAAMFYMFT
RPKDPPHSVIGNVTQLITRAVSGHYSRLSWTAVFLFVFSTERMTHRLETSFGFPLSKEIKQEITQSLDTLSQCDPNNVMM
SFQALFNCLFETQDPEFVAQVVNFFKDIDIYIGTKEELIICAACLRHCHSLQKFHLCMEHVFPDESGCISNTIEKLTLWR
DVCSAFAASEDFEILNLDNCRFDEPSLAVLCRTLSQPVCKLRKFVCNFASNLANSLELFKVILHNPHLKHLNFYGSSLSH
MDARQLCEALKHPMCNIEELMLGKCDITGEACEDIASVLVHNKKLNLLSLCENALKDDGVLVLCEALKNPDCALEALLLS
HCCFSSAACDHLSQVLLYNRSLTFLDLGSNVLKDEGVTTLCESLKHPSCNLQELWLMNCYFTSVCCVDIATVLIHSEKLK
TLKLGNNKIYDAGAKQLCKALKHPKCKLENLGLEACELSPASCEDLASALTTCKSLTCVNLEWITLDYDGAAVLCEALVS
LECSLQLLGLNKSSYDEEIKMMLTQVEEMNPNLIISHHLWTDDEGRRRGILV
;
_entity_poly.pdbx_strand_id   A
#
# COMPACT_ATOMS: atom_id res chain seq x y z
N GLN A 30 41.29 24.97 9.50
CA GLN A 30 39.96 24.45 9.82
C GLN A 30 39.63 24.64 11.30
N LYS A 31 38.34 24.68 11.61
CA LYS A 31 37.91 24.86 12.99
C LYS A 31 38.25 23.64 13.83
N ILE A 32 38.68 23.88 15.06
CA ILE A 32 39.01 22.78 15.96
C ILE A 32 37.74 22.07 16.39
N ASN A 33 37.72 20.75 16.23
CA ASN A 33 36.53 19.97 16.51
C ASN A 33 36.92 18.54 16.89
N PRO A 34 36.67 18.12 18.13
CA PRO A 34 37.00 16.75 18.51
C PRO A 34 35.98 15.65 18.18
N TYR A 35 34.67 15.94 18.11
CA TYR A 35 33.73 14.95 17.59
C TYR A 35 34.03 14.61 16.15
N ARG A 36 34.34 15.63 15.34
CA ARG A 36 34.70 15.39 13.94
C ARG A 36 35.96 14.54 13.83
N SER A 37 36.97 14.84 14.65
CA SER A 37 38.20 14.06 14.62
C SER A 37 37.95 12.62 15.06
N HIS A 38 37.13 12.43 16.10
CA HIS A 38 36.81 11.08 16.55
C HIS A 38 36.08 10.29 15.47
N MET A 39 35.10 10.93 14.81
CA MET A 39 34.41 10.26 13.71
C MET A 39 35.36 9.94 12.57
N LYS A 40 36.25 10.87 12.25
CA LYS A 40 37.23 10.64 11.19
C LYS A 40 38.08 9.41 11.49
N GLN A 41 38.63 9.35 12.71
CA GLN A 41 39.48 8.22 13.07
C GLN A 41 38.69 6.91 13.06
N LYS A 42 37.51 6.91 13.67
CA LYS A 42 36.75 5.68 13.80
C LYS A 42 36.33 5.13 12.44
N PHE A 43 35.78 5.99 11.58
CA PHE A 43 35.34 5.49 10.28
C PHE A 43 36.50 5.30 9.31
N GLN A 44 37.64 5.97 9.51
CA GLN A 44 38.83 5.62 8.73
C GLN A 44 39.31 4.22 9.08
N VAL A 45 39.26 3.86 10.37
CA VAL A 45 39.58 2.49 10.76
C VAL A 45 38.56 1.51 10.18
N LEU A 46 37.27 1.88 10.24
CA LEU A 46 36.22 0.98 9.80
C LEU A 46 36.21 0.79 8.28
N TRP A 47 36.67 1.79 7.52
CA TRP A 47 36.60 1.72 6.07
C TRP A 47 37.52 0.65 5.49
N GLU A 48 38.57 0.27 6.22
CA GLU A 48 39.53 -0.70 5.74
C GLU A 48 39.19 -2.13 6.12
N LYS A 49 38.10 -2.36 6.83
CA LYS A 49 37.75 -3.72 7.25
C LYS A 49 36.34 -4.13 6.86
N GLU A 50 35.38 -3.19 6.93
CA GLU A 50 33.98 -3.55 6.65
C GLU A 50 33.75 -4.04 5.23
N PRO A 51 34.25 -3.37 4.18
CA PRO A 51 33.97 -3.87 2.82
C PRO A 51 34.62 -5.22 2.57
N CYS A 52 34.02 -5.96 1.63
CA CYS A 52 34.51 -7.30 1.30
C CYS A 52 35.95 -7.24 0.78
N LEU A 53 36.25 -6.29 -0.08
CA LEU A 53 37.60 -6.10 -0.60
C LEU A 53 37.94 -4.62 -0.60
N LEU A 54 39.22 -4.31 -0.36
CA LEU A 54 39.67 -2.93 -0.34
C LEU A 54 39.78 -2.42 -1.77
N VAL A 55 38.72 -1.81 -2.27
CA VAL A 55 38.71 -1.22 -3.60
C VAL A 55 39.61 0.01 -3.59
N PRO A 56 40.39 0.26 -4.64
CA PRO A 56 41.21 1.47 -4.68
C PRO A 56 40.34 2.73 -4.59
N GLU A 57 40.85 3.73 -3.88
CA GLU A 57 40.09 4.95 -3.67
C GLU A 57 39.82 5.68 -4.98
N ASP A 58 40.81 5.75 -5.86
CA ASP A 58 40.65 6.47 -7.12
C ASP A 58 39.57 5.83 -7.98
N PHE A 59 39.61 4.50 -8.13
CA PHE A 59 38.60 3.82 -8.92
C PHE A 59 37.22 3.98 -8.30
N TYR A 60 37.13 3.85 -6.97
CA TYR A 60 35.83 3.97 -6.30
C TYR A 60 35.24 5.36 -6.49
N GLU A 61 36.05 6.42 -6.30
CA GLU A 61 35.53 7.77 -6.49
C GLU A 61 35.22 8.04 -7.95
N GLU A 62 35.91 7.37 -8.87
CA GLU A 62 35.52 7.47 -10.28
C GLU A 62 34.15 6.84 -10.53
N THR A 63 33.86 5.72 -9.85
CA THR A 63 32.60 5.03 -10.07
C THR A 63 31.41 5.85 -9.61
N THR A 64 31.52 6.51 -8.46
CA THR A 64 30.41 7.23 -7.85
C THR A 64 30.67 8.73 -7.77
N LYS A 65 31.25 9.29 -8.85
CA LYS A 65 31.52 10.71 -8.87
C LYS A 65 30.26 11.52 -9.14
N ILE A 66 29.35 10.98 -9.96
CA ILE A 66 28.14 11.72 -10.33
C ILE A 66 27.26 11.95 -9.11
N GLU A 67 27.02 10.89 -8.33
CA GLU A 67 26.17 11.02 -7.15
C GLU A 67 26.83 11.90 -6.10
N TYR A 68 28.16 11.82 -5.97
CA TYR A 68 28.87 12.68 -5.04
C TYR A 68 28.69 14.15 -5.42
N GLU A 69 28.85 14.47 -6.70
CA GLU A 69 28.63 15.84 -7.16
C GLU A 69 27.19 16.28 -6.94
N LEU A 70 26.23 15.38 -7.20
CA LEU A 70 24.83 15.72 -7.01
C LEU A 70 24.53 16.04 -5.55
N LEU A 71 25.05 15.24 -4.62
CA LEU A 71 24.84 15.51 -3.21
C LEU A 71 25.50 16.80 -2.78
N SER A 72 26.73 17.05 -3.26
CA SER A 72 27.42 18.29 -2.91
C SER A 72 26.65 19.50 -3.42
N THR A 73 26.06 19.40 -4.60
CA THR A 73 25.28 20.52 -5.13
C THR A 73 23.94 20.67 -4.44
N VAL A 74 23.35 19.57 -3.98
CA VAL A 74 22.01 19.67 -3.39
C VAL A 74 22.07 20.15 -1.94
N TYR A 75 23.15 19.87 -1.22
CA TYR A 75 23.28 20.38 0.14
C TYR A 75 23.96 21.74 0.23
N LEU A 76 24.32 22.36 -0.88
CA LEU A 76 24.80 23.75 -0.89
C LEU A 76 23.67 24.63 -1.42
N ASP A 77 22.74 24.98 -0.54
CA ASP A 77 21.62 25.84 -0.91
C ASP A 77 21.30 26.92 0.12
N ALA A 78 21.81 26.84 1.34
CA ALA A 78 21.48 27.82 2.37
C ALA A 78 22.11 29.17 2.06
N SER A 84 12.29 24.61 5.84
CA SER A 84 12.61 23.20 6.04
C SER A 84 13.49 22.68 4.91
N SER A 85 14.68 22.21 5.27
CA SER A 85 15.60 21.68 4.27
C SER A 85 15.04 20.39 3.68
N PRO A 86 15.05 20.24 2.36
CA PRO A 86 14.51 19.01 1.76
C PRO A 86 15.35 17.80 2.09
N THR A 87 14.69 16.65 2.15
CA THR A 87 15.35 15.37 2.43
C THR A 87 15.51 14.58 1.14
N VAL A 88 16.73 14.13 0.87
CA VAL A 88 17.03 13.35 -0.33
C VAL A 88 17.25 11.90 0.10
N VAL A 89 16.75 10.97 -0.71
CA VAL A 89 16.83 9.55 -0.44
C VAL A 89 17.54 8.86 -1.60
N LEU A 90 18.48 7.99 -1.28
CA LEU A 90 19.16 7.19 -2.29
C LEU A 90 18.26 6.04 -2.71
N HIS A 91 18.09 5.85 -4.02
CA HIS A 91 17.20 4.85 -4.56
C HIS A 91 18.00 3.80 -5.32
N GLY A 92 17.66 2.53 -5.09
CA GLY A 92 18.27 1.43 -5.81
C GLY A 92 18.07 0.10 -5.12
N PRO A 93 18.32 -0.99 -5.84
CA PRO A 93 18.20 -2.31 -5.23
C PRO A 93 19.34 -2.60 -4.27
N GLU A 94 19.12 -3.62 -3.43
CA GLU A 94 20.13 -4.01 -2.46
C GLU A 94 21.37 -4.54 -3.18
N GLY A 95 22.54 -4.17 -2.66
CA GLY A 95 23.79 -4.61 -3.22
C GLY A 95 24.49 -3.64 -4.14
N ILE A 96 24.02 -2.40 -4.24
CA ILE A 96 24.66 -1.41 -5.10
C ILE A 96 25.72 -0.59 -4.36
N GLY A 97 25.63 -0.49 -3.03
CA GLY A 97 26.63 0.21 -2.27
C GLY A 97 26.15 1.51 -1.63
N LYS A 98 24.87 1.56 -1.27
CA LYS A 98 24.35 2.76 -0.61
C LYS A 98 25.03 3.00 0.74
N THR A 99 25.19 1.94 1.53
CA THR A 99 25.86 2.09 2.82
C THR A 99 27.31 2.52 2.64
N THR A 100 28.03 1.90 1.70
CA THR A 100 29.40 2.29 1.44
C THR A 100 29.48 3.73 0.92
N PHE A 101 28.52 4.12 0.08
CA PHE A 101 28.50 5.48 -0.43
C PHE A 101 28.30 6.49 0.70
N LEU A 102 27.35 6.21 1.60
CA LEU A 102 27.12 7.11 2.73
C LEU A 102 28.34 7.18 3.62
N ARG A 103 28.99 6.03 3.88
CA ARG A 103 30.19 6.03 4.70
C ARG A 103 31.29 6.86 4.06
N LYS A 104 31.48 6.73 2.75
CA LYS A 104 32.52 7.50 2.07
C LYS A 104 32.21 8.99 2.11
N VAL A 105 30.95 9.37 1.88
CA VAL A 105 30.59 10.78 1.88
C VAL A 105 30.83 11.39 3.25
N MET A 106 30.35 10.72 4.31
CA MET A 106 30.51 11.31 5.63
C MET A 106 31.95 11.26 6.10
N LEU A 107 32.73 10.26 5.66
CA LEU A 107 34.16 10.24 5.96
C LEU A 107 34.88 11.40 5.28
N GLU A 108 34.53 11.69 4.03
CA GLU A 108 35.09 12.85 3.35
C GLU A 108 34.72 14.14 4.07
N TRP A 109 33.50 14.21 4.59
CA TRP A 109 33.11 15.33 5.43
C TRP A 109 33.97 15.39 6.70
N ALA A 110 34.26 14.22 7.27
CA ALA A 110 35.04 14.16 8.50
C ALA A 110 36.44 14.71 8.30
N LYS A 111 37.09 14.36 7.19
CA LYS A 111 38.35 15.06 6.87
C LYS A 111 38.14 16.50 6.45
N GLY A 112 36.91 16.94 6.23
CA GLY A 112 36.64 18.32 5.91
C GLY A 112 36.74 18.68 4.45
N ASN A 113 36.87 17.69 3.56
CA ASN A 113 36.91 17.95 2.13
C ASN A 113 35.53 18.15 1.52
N LEU A 114 34.47 17.97 2.30
CA LEU A 114 33.10 18.16 1.82
C LEU A 114 32.30 18.87 2.90
N TRP A 115 31.50 19.85 2.47
CA TRP A 115 30.65 20.63 3.38
C TRP A 115 31.46 21.25 4.51
N ARG A 116 32.63 21.77 4.18
CA ARG A 116 33.50 22.36 5.20
C ARG A 116 32.84 23.57 5.85
N ASP A 117 32.20 24.44 5.05
CA ASP A 117 31.55 25.63 5.55
C ASP A 117 30.03 25.51 5.58
N ARG A 118 29.49 24.32 5.37
CA ARG A 118 28.05 24.11 5.33
C ARG A 118 27.54 23.28 6.50
N PHE A 119 28.12 22.10 6.73
CA PHE A 119 27.70 21.20 7.80
C PHE A 119 28.80 21.09 8.83
N SER A 120 28.46 21.33 10.09
CA SER A 120 29.42 21.25 11.19
C SER A 120 29.36 19.94 11.95
N PHE A 121 28.17 19.39 12.15
CA PHE A 121 28.00 18.13 12.88
C PHE A 121 27.11 17.20 12.07
N VAL A 122 27.60 15.99 11.84
CA VAL A 122 26.85 14.95 11.12
C VAL A 122 26.82 13.70 11.98
N PHE A 123 25.63 13.15 12.19
CA PHE A 123 25.44 11.98 13.03
C PHE A 123 24.97 10.81 12.18
N PHE A 124 25.65 9.67 12.32
CA PHE A 124 25.33 8.47 11.56
C PHE A 124 24.48 7.54 12.43
N LEU A 125 23.29 7.22 11.95
CA LEU A 125 22.37 6.34 12.66
C LEU A 125 22.06 5.13 11.77
N THR A 126 22.27 3.94 12.31
CA THR A 126 21.99 2.70 11.60
C THR A 126 20.91 1.92 12.35
N GLY A 127 20.11 1.17 11.58
CA GLY A 127 19.01 0.44 12.19
C GLY A 127 19.47 -0.64 13.15
N ARG A 128 20.56 -1.33 12.81
CA ARG A 128 21.03 -2.43 13.65
C ARG A 128 21.46 -1.95 15.04
N GLU A 129 22.16 -0.83 15.10
CA GLU A 129 22.62 -0.33 16.40
C GLU A 129 21.49 0.28 17.22
N MET A 130 20.46 0.80 16.56
CA MET A 130 19.31 1.35 17.27
C MET A 130 18.27 0.29 17.60
N ASN A 131 18.40 -0.92 17.05
CA ASN A 131 17.46 -1.98 17.38
C ASN A 131 17.58 -2.40 18.84
N GLY A 132 18.80 -2.46 19.36
CA GLY A 132 19.00 -2.83 20.75
C GLY A 132 18.51 -1.81 21.75
N VAL A 133 18.30 -0.57 21.31
CA VAL A 133 17.82 0.47 22.21
C VAL A 133 16.34 0.28 22.46
N THR A 134 15.95 0.26 23.74
CA THR A 134 14.56 0.07 24.13
C THR A 134 13.85 1.41 24.34
N ASP A 135 14.35 2.22 25.26
CA ASP A 135 13.78 3.54 25.56
C ASP A 135 14.91 4.49 25.90
N MET A 136 15.15 5.47 25.03
CA MET A 136 16.24 6.41 25.24
C MET A 136 15.95 7.66 24.42
N SER A 137 16.30 8.82 24.98
CA SER A 137 16.11 10.08 24.30
C SER A 137 17.16 10.27 23.21
N LEU A 138 16.89 11.19 22.29
CA LEU A 138 17.81 11.45 21.19
C LEU A 138 19.11 12.07 21.68
N VAL A 139 19.06 12.82 22.78
CA VAL A 139 20.27 13.44 23.33
C VAL A 139 21.27 12.36 23.75
N GLU A 140 20.79 11.35 24.49
CA GLU A 140 21.66 10.26 24.89
C GLU A 140 22.09 9.42 23.69
N LEU A 141 21.22 9.27 22.70
CA LEU A 141 21.57 8.53 21.49
C LEU A 141 22.73 9.20 20.77
N LEU A 142 22.72 10.54 20.71
CA LEU A 142 23.82 11.27 20.10
C LEU A 142 25.05 11.31 21.00
N SER A 143 24.86 11.26 22.31
CA SER A 143 25.98 11.32 23.25
C SER A 143 26.68 9.97 23.43
N ARG A 144 26.05 8.87 23.00
CA ARG A 144 26.69 7.56 23.18
C ARG A 144 28.02 7.46 22.44
N ASP A 145 28.18 8.22 21.36
CA ASP A 145 29.44 8.24 20.60
C ASP A 145 30.07 9.62 20.60
N TRP A 146 29.62 10.51 21.47
CA TRP A 146 30.14 11.87 21.52
C TRP A 146 31.06 12.03 22.72
N PRO A 147 32.35 12.30 22.52
CA PRO A 147 33.27 12.38 23.65
C PRO A 147 32.91 13.51 24.60
N GLU A 148 33.09 13.26 25.90
CA GLU A 148 32.68 14.23 26.91
C GLU A 148 33.46 15.53 26.79
N SER A 149 34.76 15.46 26.54
CA SER A 149 35.60 16.65 26.44
C SER A 149 35.36 17.35 25.09
N SER A 150 34.19 17.98 25.01
CA SER A 150 33.77 18.66 23.79
C SER A 150 32.65 19.63 24.15
N GLU A 151 32.07 20.24 23.12
CA GLU A 151 31.00 21.22 23.33
C GLU A 151 29.76 20.52 23.88
N PRO A 152 29.02 21.18 24.79
CA PRO A 152 27.79 20.57 25.30
C PRO A 152 26.74 20.38 24.21
N ILE A 153 25.93 19.34 24.39
CA ILE A 153 24.95 18.96 23.37
C ILE A 153 23.92 20.07 23.19
N GLU A 154 23.48 20.71 24.28
CA GLU A 154 22.56 21.83 24.15
C GLU A 154 23.20 22.97 23.36
N ASP A 155 24.49 23.24 23.60
CA ASP A 155 25.17 24.29 22.87
C ASP A 155 25.24 23.98 21.38
N ILE A 156 25.53 22.73 21.02
CA ILE A 156 25.56 22.38 19.60
C ILE A 156 24.16 22.40 19.01
N PHE A 157 23.13 22.12 19.81
CA PHE A 157 21.77 22.13 19.31
C PHE A 157 21.18 23.53 19.27
N SER A 158 21.86 24.53 19.83
CA SER A 158 21.40 25.90 19.71
C SER A 158 21.35 26.37 18.26
N GLN A 159 22.08 25.72 17.36
CA GLN A 159 22.09 26.04 15.93
C GLN A 159 21.81 24.76 15.15
N PRO A 160 20.55 24.32 15.12
CA PRO A 160 20.23 23.04 14.47
C PRO A 160 20.17 23.09 12.95
N GLU A 161 20.58 24.20 12.33
CA GLU A 161 20.62 24.27 10.87
C GLU A 161 21.87 23.64 10.27
N ARG A 162 22.86 23.30 11.09
CA ARG A 162 24.13 22.75 10.62
C ARG A 162 24.27 21.27 10.90
N ILE A 163 23.20 20.60 11.32
CA ILE A 163 23.25 19.19 11.71
C ILE A 163 22.60 18.35 10.62
N LEU A 164 23.15 17.17 10.39
CA LEU A 164 22.64 16.23 9.41
C LEU A 164 22.51 14.86 10.06
N PHE A 165 21.35 14.23 9.91
CA PHE A 165 21.09 12.90 10.44
C PHE A 165 20.98 11.93 9.27
N ILE A 166 21.98 11.05 9.14
CA ILE A 166 22.03 10.08 8.06
C ILE A 166 21.45 8.77 8.59
N LEU A 167 20.24 8.44 8.17
CA LEU A 167 19.59 7.19 8.55
C LEU A 167 19.95 6.13 7.53
N ASP A 168 20.85 5.23 7.91
CA ASP A 168 21.39 4.22 7.01
C ASP A 168 20.80 2.86 7.36
N GLY A 169 20.30 2.15 6.35
CA GLY A 169 19.78 0.82 6.56
C GLY A 169 18.59 0.75 7.49
N MET A 170 17.64 1.67 7.35
CA MET A 170 16.46 1.66 8.21
C MET A 170 15.54 0.47 7.93
N GLU A 171 15.75 -0.25 6.83
CA GLU A 171 14.97 -1.45 6.57
C GLU A 171 15.34 -2.60 7.51
N GLU A 172 16.42 -2.46 8.28
CA GLU A 172 16.81 -3.46 9.27
C GLU A 172 16.24 -3.17 10.65
N LEU A 173 15.17 -2.37 10.73
CA LEU A 173 14.56 -2.01 11.99
C LEU A 173 13.47 -3.01 12.36
N LYS A 174 13.22 -3.14 13.67
CA LYS A 174 12.21 -4.06 14.17
C LYS A 174 10.80 -3.50 14.07
N PHE A 175 10.64 -2.21 13.77
CA PHE A 175 9.34 -1.58 13.71
C PHE A 175 9.15 -0.89 12.37
N ASP A 176 7.96 -1.01 11.81
CA ASP A 176 7.63 -0.33 10.57
C ASP A 176 7.08 1.07 10.85
N LEU A 177 7.07 1.90 9.82
CA LEU A 177 6.65 3.28 9.93
C LEU A 177 5.25 3.42 9.33
N ASP A 178 4.30 3.87 10.15
CA ASP A 178 2.92 4.03 9.69
C ASP A 178 2.26 5.31 10.21
N CYS A 179 2.98 6.18 10.92
CA CYS A 179 2.48 7.44 11.46
C CYS A 179 1.37 7.25 12.48
N ASN A 180 1.12 6.02 12.92
CA ASN A 180 0.06 5.78 13.89
C ASN A 180 0.41 6.39 15.24
N ALA A 181 1.66 6.27 15.67
CA ALA A 181 2.06 6.76 16.98
C ALA A 181 2.14 8.28 16.99
N ASP A 182 2.01 8.86 18.19
CA ASP A 182 2.11 10.30 18.34
C ASP A 182 3.54 10.76 18.07
N LEU A 183 3.66 11.99 17.58
CA LEU A 183 4.94 12.57 17.19
C LEU A 183 5.33 13.64 18.20
N CYS A 184 6.55 13.56 18.69
CA CYS A 184 7.05 14.45 19.73
C CYS A 184 7.92 15.55 19.14
N GLU A 185 8.03 16.66 19.88
CA GLU A 185 8.77 17.82 19.44
C GLU A 185 9.96 18.16 20.33
N ASP A 186 10.16 17.45 21.43
CA ASP A 186 11.21 17.75 22.38
C ASP A 186 12.25 16.63 22.38
N TRP A 187 13.51 17.01 22.15
CA TRP A 187 14.60 16.02 22.14
C TRP A 187 15.03 15.64 23.54
N GLU A 188 14.92 16.56 24.50
CA GLU A 188 15.43 16.30 25.85
C GLU A 188 14.67 15.17 26.53
N GLN A 189 13.35 15.13 26.37
CA GLN A 189 12.54 14.17 27.10
C GLN A 189 12.75 12.75 26.56
N PRO A 190 12.90 11.76 27.44
CA PRO A 190 12.93 10.37 26.99
C PRO A 190 11.73 10.03 26.13
N GLN A 191 11.98 9.27 25.06
CA GLN A 191 10.91 8.76 24.20
C GLN A 191 11.41 7.50 23.52
N SER A 192 10.46 6.72 23.00
CA SER A 192 10.81 5.51 22.28
C SER A 192 11.44 5.85 20.93
N MET A 193 12.12 4.86 20.36
CA MET A 193 12.83 5.09 19.10
C MET A 193 11.86 5.32 17.94
N GLN A 194 10.73 4.60 17.94
CA GLN A 194 9.80 4.70 16.81
C GLN A 194 9.23 6.11 16.69
N VAL A 195 8.79 6.69 17.79
CA VAL A 195 8.17 8.02 17.74
C VAL A 195 9.20 9.07 17.38
N VAL A 196 10.43 8.94 17.90
CA VAL A 196 11.49 9.89 17.57
C VAL A 196 11.81 9.82 16.09
N LEU A 197 11.94 8.61 15.54
CA LEU A 197 12.22 8.46 14.13
C LEU A 197 11.09 9.01 13.27
N GLN A 198 9.84 8.76 13.68
CA GLN A 198 8.70 9.29 12.94
C GLN A 198 8.69 10.82 12.93
N SER A 199 8.93 11.42 14.10
CA SER A 199 8.95 12.88 14.17
C SER A 199 10.08 13.46 13.34
N LEU A 200 11.27 12.86 13.41
CA LEU A 200 12.39 13.35 12.61
C LEU A 200 12.11 13.20 11.12
N LEU A 201 11.49 12.09 10.71
CA LEU A 201 11.19 11.89 9.31
C LEU A 201 10.13 12.88 8.81
N GLN A 202 9.11 13.15 9.61
CA GLN A 202 8.04 14.05 9.23
C GLN A 202 8.37 15.51 9.51
N LYS A 203 9.55 15.80 10.05
CA LYS A 203 10.06 17.15 10.22
C LYS A 203 9.26 17.97 11.23
N GLN A 204 8.45 17.34 12.06
CA GLN A 204 7.85 18.06 13.18
C GLN A 204 8.84 18.23 14.33
N MET A 205 9.99 17.57 14.28
CA MET A 205 11.05 17.70 15.28
C MET A 205 12.28 18.22 14.55
N LEU A 206 12.73 19.42 14.92
CA LEU A 206 13.81 20.12 14.24
C LEU A 206 13.51 20.22 12.75
N PRO A 207 12.54 21.04 12.34
CA PRO A 207 12.22 21.13 10.91
C PRO A 207 13.38 21.61 10.04
N GLU A 208 14.30 22.41 10.59
CA GLU A 208 15.38 22.98 9.83
C GLU A 208 16.58 22.04 9.69
N CYS A 209 16.57 20.89 10.34
CA CYS A 209 17.66 19.94 10.19
C CYS A 209 17.58 19.24 8.84
N SER A 210 18.74 18.77 8.37
CA SER A 210 18.84 18.08 7.10
C SER A 210 18.91 16.57 7.33
N LEU A 211 18.34 15.82 6.39
CA LEU A 211 18.28 14.37 6.49
C LEU A 211 18.83 13.74 5.23
N LEU A 212 19.56 12.63 5.40
CA LEU A 212 20.08 11.83 4.30
C LEU A 212 19.61 10.40 4.50
N LEU A 213 18.94 9.85 3.48
CA LEU A 213 18.29 8.55 3.60
C LEU A 213 18.79 7.60 2.52
N ALA A 214 18.64 6.31 2.78
CA ALA A 214 19.02 5.26 1.83
C ALA A 214 17.97 4.16 1.92
N LEU A 215 17.09 4.09 0.93
CA LEU A 215 16.02 3.11 0.90
C LEU A 215 16.01 2.37 -0.44
N SER A 216 15.47 1.16 -0.43
CA SER A 216 15.32 0.38 -1.63
C SER A 216 14.00 0.71 -2.31
N LYS A 217 13.65 -0.06 -3.35
CA LYS A 217 12.39 0.16 -4.04
C LYS A 217 11.20 -0.08 -3.11
N MET A 218 11.25 -1.16 -2.33
CA MET A 218 10.18 -1.44 -1.39
C MET A 218 10.08 -0.36 -0.32
N GLY A 219 11.23 0.14 0.15
CA GLY A 219 11.21 1.23 1.11
C GLY A 219 10.55 2.48 0.56
N MET A 220 10.86 2.82 -0.69
CA MET A 220 10.19 3.95 -1.34
C MET A 220 8.69 3.71 -1.45
N ARG A 221 8.29 2.50 -1.86
CA ARG A 221 6.87 2.21 -2.00
C ARG A 221 6.15 2.35 -0.67
N LYS A 222 6.78 1.91 0.41
CA LYS A 222 6.13 1.96 1.72
C LYS A 222 6.11 3.37 2.29
N ASN A 223 7.17 4.15 2.05
CA ASN A 223 7.32 5.44 2.71
C ASN A 223 7.08 6.65 1.81
N TYR A 224 6.54 6.42 0.60
CA TYR A 224 6.26 7.57 -0.27
C TYR A 224 5.28 8.53 0.36
N SER A 225 4.25 8.02 1.04
CA SER A 225 3.29 8.88 1.71
C SER A 225 3.95 9.67 2.84
N LEU A 226 4.85 9.03 3.59
CA LEU A 226 5.46 9.69 4.73
C LEU A 226 6.45 10.77 4.30
N LEU A 227 7.20 10.52 3.22
CA LEU A 227 8.22 11.48 2.78
C LEU A 227 7.56 12.71 2.18
N LYS A 228 8.04 13.88 2.59
CA LYS A 228 7.61 15.16 2.04
C LYS A 228 8.83 15.95 1.62
N HIS A 229 8.65 16.77 0.58
CA HIS A 229 9.75 17.49 -0.06
C HIS A 229 10.85 16.51 -0.48
N MET A 230 10.41 15.36 -0.97
CA MET A 230 11.31 14.26 -1.25
C MET A 230 12.18 14.56 -2.48
N LYS A 231 13.46 14.19 -2.39
CA LYS A 231 14.39 14.34 -3.49
C LYS A 231 15.02 12.98 -3.77
N CYS A 232 15.20 12.66 -5.06
CA CYS A 232 15.63 11.34 -5.48
C CYS A 232 17.03 11.41 -6.08
N ILE A 233 17.91 10.53 -5.61
CA ILE A 233 19.23 10.32 -6.20
C ILE A 233 19.39 8.83 -6.45
N PHE A 234 19.77 8.47 -7.68
CA PHE A 234 19.87 7.09 -8.10
C PHE A 234 21.34 6.69 -8.21
N LEU A 235 21.68 5.54 -7.62
CA LEU A 235 23.01 4.98 -7.75
C LEU A 235 23.07 4.13 -9.03
N LEU A 236 24.10 4.36 -9.84
CA LEU A 236 24.23 3.69 -11.13
C LEU A 236 25.06 2.42 -11.07
N GLY A 237 25.95 2.29 -10.09
CA GLY A 237 26.77 1.10 -9.98
C GLY A 237 27.94 1.11 -10.96
N PHE A 238 28.33 -0.09 -11.40
CA PHE A 238 29.46 -0.26 -12.28
C PHE A 238 29.05 -0.14 -13.75
N SER A 239 29.99 0.31 -14.57
CA SER A 239 29.84 0.39 -16.01
C SER A 239 30.81 -0.59 -16.67
N GLU A 240 30.87 -0.55 -18.00
CA GLU A 240 31.71 -1.46 -18.77
C GLU A 240 33.16 -1.38 -18.33
N HIS A 241 33.79 -0.21 -18.51
CA HIS A 241 35.17 -0.03 -18.10
C HIS A 241 35.32 -0.20 -16.59
N GLN A 242 34.32 0.23 -15.82
CA GLN A 242 34.38 0.03 -14.37
C GLN A 242 34.38 -1.44 -14.02
N ARG A 243 33.54 -2.24 -14.69
CA ARG A 243 33.55 -3.68 -14.45
C ARG A 243 34.88 -4.30 -14.82
N LYS A 244 35.44 -3.90 -15.95
CA LYS A 244 36.74 -4.44 -16.37
C LYS A 244 37.82 -4.09 -15.36
N LEU A 245 37.86 -2.84 -14.91
CA LEU A 245 38.86 -2.43 -13.94
C LEU A 245 38.68 -3.15 -12.62
N TYR A 246 37.44 -3.34 -12.17
CA TYR A 246 37.21 -4.05 -10.92
C TYR A 246 37.62 -5.51 -11.01
N PHE A 247 37.35 -6.15 -12.16
CA PHE A 247 37.81 -7.52 -12.36
C PHE A 247 39.33 -7.60 -12.34
N SER A 248 40.00 -6.67 -13.03
CA SER A 248 41.45 -6.65 -13.05
C SER A 248 42.04 -6.38 -11.68
N HIS A 249 41.35 -5.59 -10.85
CA HIS A 249 41.83 -5.34 -9.50
C HIS A 249 41.61 -6.56 -8.60
N TYR A 250 40.48 -7.24 -8.76
CA TYR A 250 40.22 -8.43 -7.95
C TYR A 250 41.21 -9.55 -8.28
N PHE A 251 41.49 -9.75 -9.56
CA PHE A 251 42.42 -10.80 -10.00
C PHE A 251 43.79 -10.16 -10.22
N GLN A 252 44.73 -10.44 -9.31
CA GLN A 252 46.07 -9.89 -9.42
C GLN A 252 46.79 -10.35 -10.69
N GLU A 253 46.41 -11.52 -11.23
CA GLU A 253 46.96 -12.00 -12.48
C GLU A 253 46.25 -11.32 -13.66
N LYS A 254 46.72 -11.62 -14.87
CA LYS A 254 46.22 -10.96 -16.07
C LYS A 254 45.51 -11.91 -17.02
N ASP A 255 46.11 -13.05 -17.35
CA ASP A 255 45.56 -13.92 -18.39
C ASP A 255 44.22 -14.52 -17.96
N ALA A 256 44.17 -15.11 -16.77
CA ALA A 256 42.91 -15.68 -16.29
C ALA A 256 41.90 -14.60 -15.96
N SER A 257 42.36 -13.41 -15.56
CA SER A 257 41.44 -12.30 -15.37
C SER A 257 40.75 -11.91 -16.67
N SER A 258 41.52 -11.82 -17.76
CA SER A 258 40.93 -11.53 -19.06
C SER A 258 40.01 -12.67 -19.51
N ARG A 259 40.40 -13.91 -19.23
CA ARG A 259 39.53 -15.04 -19.55
C ARG A 259 38.20 -14.94 -18.82
N ALA A 260 38.24 -14.62 -17.53
CA ALA A 260 37.00 -14.49 -16.76
C ALA A 260 36.15 -13.33 -17.25
N PHE A 261 36.80 -12.20 -17.59
CA PHE A 261 36.04 -11.06 -18.11
C PHE A 261 35.37 -11.41 -19.43
N SER A 262 36.08 -12.09 -20.33
CA SER A 262 35.46 -12.53 -21.56
C SER A 262 34.31 -13.49 -21.29
N PHE A 263 34.51 -14.43 -20.36
CA PHE A 263 33.47 -15.42 -20.05
C PHE A 263 32.20 -14.76 -19.55
N VAL A 264 32.33 -13.79 -18.64
CA VAL A 264 31.15 -13.06 -18.19
C VAL A 264 30.63 -12.14 -19.29
N ARG A 265 31.47 -11.81 -20.28
CA ARG A 265 31.02 -10.96 -21.37
C ARG A 265 30.11 -11.70 -22.34
N GLU A 266 30.43 -12.94 -22.70
CA GLU A 266 29.57 -13.62 -23.67
C GLU A 266 28.17 -13.90 -23.14
N LYS A 267 27.98 -13.93 -21.82
CA LYS A 267 26.68 -14.18 -21.23
C LYS A 267 25.99 -12.85 -20.97
N SER A 268 24.87 -12.61 -21.64
CA SER A 268 24.18 -11.34 -21.54
C SER A 268 23.56 -11.15 -20.16
N SER A 269 22.85 -12.16 -19.66
CA SER A 269 22.18 -12.03 -18.36
C SER A 269 23.20 -11.87 -17.24
N LEU A 270 24.28 -12.66 -17.26
CA LEU A 270 25.30 -12.54 -16.24
C LEU A 270 25.97 -11.17 -16.28
N PHE A 271 26.28 -10.68 -17.47
CA PHE A 271 26.91 -9.37 -17.59
C PHE A 271 25.98 -8.26 -17.11
N VAL A 272 24.68 -8.37 -17.41
CA VAL A 272 23.73 -7.37 -16.95
C VAL A 272 23.62 -7.39 -15.42
N LEU A 273 23.54 -8.59 -14.83
CA LEU A 273 23.47 -8.70 -13.39
C LEU A 273 24.79 -8.29 -12.72
N CYS A 274 25.89 -8.29 -13.47
CA CYS A 274 27.18 -7.89 -12.95
C CYS A 274 27.27 -6.40 -12.64
N GLN A 275 26.26 -5.62 -13.02
CA GLN A 275 26.30 -4.18 -12.78
C GLN A 275 26.37 -3.87 -11.28
N SER A 276 25.61 -4.58 -10.47
CA SER A 276 25.63 -4.35 -9.03
C SER A 276 26.99 -4.76 -8.47
N PRO A 277 27.66 -3.88 -7.73
CA PRO A 277 29.01 -4.23 -7.22
C PRO A 277 29.03 -5.48 -6.36
N PHE A 278 27.99 -5.72 -5.55
CA PHE A 278 27.97 -6.92 -4.73
C PHE A 278 27.82 -8.18 -5.58
N LEU A 279 26.92 -8.15 -6.56
CA LEU A 279 26.80 -9.27 -7.48
C LEU A 279 28.08 -9.45 -8.30
N CYS A 280 28.73 -8.33 -8.65
CA CYS A 280 30.01 -8.43 -9.35
C CYS A 280 31.06 -9.12 -8.50
N TRP A 281 31.11 -8.79 -7.21
CA TRP A 281 32.05 -9.46 -6.31
C TRP A 281 31.72 -10.94 -6.17
N LEU A 282 30.43 -11.26 -6.10
CA LEU A 282 30.03 -12.66 -6.04
C LEU A 282 30.48 -13.42 -7.28
N VAL A 283 30.31 -12.82 -8.45
CA VAL A 283 30.76 -13.45 -9.69
C VAL A 283 32.27 -13.63 -9.67
N CYS A 284 33.01 -12.59 -9.24
CA CYS A 284 34.47 -12.68 -9.22
C CYS A 284 34.94 -13.79 -8.29
N THR A 285 34.36 -13.90 -7.10
CA THR A 285 34.82 -14.93 -6.17
C THR A 285 34.39 -16.32 -6.61
N SER A 286 33.21 -16.45 -7.25
CA SER A 286 32.82 -17.74 -7.80
C SER A 286 33.78 -18.17 -8.91
N LEU A 287 34.16 -17.24 -9.78
CA LEU A 287 35.12 -17.55 -10.83
C LEU A 287 36.48 -17.91 -10.25
N LYS A 288 36.91 -17.20 -9.19
CA LYS A 288 38.17 -17.53 -8.54
C LYS A 288 38.14 -18.93 -7.95
N CYS A 289 37.03 -19.30 -7.31
CA CYS A 289 36.89 -20.64 -6.76
C CYS A 289 36.93 -21.69 -7.87
N GLN A 290 36.26 -21.41 -9.00
CA GLN A 290 36.29 -22.34 -10.13
C GLN A 290 37.71 -22.50 -10.67
N LEU A 291 38.44 -21.39 -10.79
CA LEU A 291 39.81 -21.46 -11.30
C LEU A 291 40.71 -22.24 -10.36
N GLU A 292 40.60 -21.99 -9.05
CA GLU A 292 41.43 -22.72 -8.10
C GLU A 292 41.03 -24.18 -7.99
N LYS A 293 39.78 -24.52 -8.33
CA LYS A 293 39.37 -25.92 -8.38
C LYS A 293 39.91 -26.62 -9.64
N GLY A 294 40.06 -25.89 -10.74
CA GLY A 294 40.51 -26.45 -11.99
C GLY A 294 39.41 -26.80 -12.97
N GLU A 295 38.15 -26.78 -12.53
CA GLU A 295 37.04 -27.09 -13.40
C GLU A 295 36.79 -25.95 -14.38
N ASP A 296 36.22 -26.29 -15.54
CA ASP A 296 35.92 -25.29 -16.55
C ASP A 296 34.87 -24.31 -16.04
N LEU A 297 34.89 -23.11 -16.61
CA LEU A 297 34.02 -22.02 -16.17
C LEU A 297 32.57 -22.35 -16.50
N GLU A 298 31.79 -22.64 -15.47
CA GLU A 298 30.36 -22.86 -15.59
C GLU A 298 29.63 -22.08 -14.50
N LEU A 299 28.49 -21.50 -14.85
CA LEU A 299 27.75 -20.66 -13.92
C LEU A 299 26.32 -20.54 -14.41
N ASP A 300 25.37 -20.71 -13.49
CA ASP A 300 23.95 -20.57 -13.78
C ASP A 300 23.51 -19.16 -13.39
N SER A 301 23.23 -18.33 -14.40
CA SER A 301 22.89 -16.94 -14.17
C SER A 301 21.49 -16.60 -14.69
N GLU A 302 20.56 -17.57 -14.59
CA GLU A 302 19.19 -17.30 -14.99
C GLU A 302 18.56 -16.21 -14.12
N THR A 303 18.77 -16.29 -12.81
CA THR A 303 18.22 -15.34 -11.85
C THR A 303 19.32 -14.91 -10.89
N ILE A 304 19.03 -13.85 -10.13
CA ILE A 304 19.95 -13.40 -9.08
C ILE A 304 20.09 -14.48 -8.01
N THR A 305 18.98 -15.10 -7.61
CA THR A 305 19.03 -16.15 -6.61
C THR A 305 19.86 -17.34 -7.08
N GLY A 306 19.80 -17.67 -8.37
CA GLY A 306 20.68 -18.71 -8.90
C GLY A 306 22.14 -18.34 -8.76
N LEU A 307 22.46 -17.06 -8.99
CA LEU A 307 23.84 -16.60 -8.80
C LEU A 307 24.25 -16.73 -7.34
N TYR A 308 23.36 -16.38 -6.41
CA TYR A 308 23.67 -16.54 -4.99
C TYR A 308 23.90 -18.00 -4.64
N VAL A 309 23.06 -18.89 -5.19
CA VAL A 309 23.19 -20.31 -4.91
C VAL A 309 24.52 -20.83 -5.44
N SER A 310 24.90 -20.43 -6.65
CA SER A 310 26.18 -20.84 -7.21
C SER A 310 27.33 -20.33 -6.35
N PHE A 311 27.27 -19.06 -5.95
CA PHE A 311 28.29 -18.49 -5.07
C PHE A 311 28.45 -19.32 -3.80
N PHE A 312 27.34 -19.59 -3.11
CA PHE A 312 27.41 -20.34 -1.87
C PHE A 312 27.95 -21.75 -2.10
N THR A 313 27.49 -22.41 -3.16
CA THR A 313 27.93 -23.77 -3.44
C THR A 313 29.44 -23.81 -3.66
N LYS A 314 29.96 -22.92 -4.51
CA LYS A 314 31.39 -22.97 -4.82
C LYS A 314 32.24 -22.57 -3.64
N VAL A 315 31.81 -21.57 -2.86
CA VAL A 315 32.63 -21.19 -1.71
C VAL A 315 32.60 -22.28 -0.64
N PHE A 316 31.46 -22.95 -0.47
CA PHE A 316 31.41 -24.06 0.49
C PHE A 316 32.28 -25.22 0.02
N ARG A 317 32.27 -25.53 -1.28
CA ARG A 317 33.12 -26.60 -1.79
C ARG A 317 34.59 -26.28 -1.65
N SER A 318 34.98 -25.02 -1.93
CA SER A 318 36.38 -24.64 -1.87
C SER A 318 36.88 -24.45 -0.44
N GLY A 319 36.01 -24.11 0.50
CA GLY A 319 36.41 -23.89 1.88
C GLY A 319 36.35 -25.09 2.78
N SER A 320 35.90 -26.25 2.29
CA SER A 320 35.80 -27.45 3.11
C SER A 320 36.15 -28.64 2.22
N GLU A 321 37.32 -29.22 2.46
CA GLU A 321 37.78 -30.36 1.67
C GLU A 321 38.21 -31.51 2.57
N THR A 322 38.70 -31.19 3.78
CA THR A 322 39.16 -32.19 4.73
C THR A 322 38.20 -32.35 5.91
N CYS A 323 36.91 -32.10 5.71
CA CYS A 323 35.92 -32.20 6.76
C CYS A 323 34.92 -33.29 6.44
N PRO A 324 34.57 -34.14 7.41
CA PRO A 324 33.55 -35.16 7.14
C PRO A 324 32.20 -34.55 6.85
N LEU A 325 31.41 -35.25 6.03
CA LEU A 325 30.13 -34.70 5.59
C LEU A 325 29.15 -34.54 6.74
N LYS A 326 29.23 -35.40 7.76
CA LYS A 326 28.40 -35.22 8.95
C LYS A 326 28.75 -33.91 9.65
N GLN A 327 30.05 -33.67 9.87
CA GLN A 327 30.45 -32.43 10.54
C GLN A 327 30.22 -31.22 9.64
N ARG A 328 30.37 -31.38 8.32
CA ARG A 328 30.05 -30.30 7.40
C ARG A 328 28.58 -29.93 7.48
N ARG A 329 27.70 -30.93 7.50
CA ARG A 329 26.28 -30.67 7.64
C ARG A 329 25.95 -30.02 8.97
N ALA A 330 26.61 -30.47 10.05
CA ALA A 330 26.40 -29.85 11.35
C ALA A 330 26.82 -28.37 11.35
N ARG A 331 27.98 -28.07 10.75
CA ARG A 331 28.45 -26.70 10.67
C ARG A 331 27.47 -25.84 9.87
N LEU A 332 27.02 -26.36 8.72
CA LEU A 332 26.10 -25.60 7.89
C LEU A 332 24.78 -25.37 8.59
N LYS A 333 24.27 -26.38 9.30
CA LYS A 333 23.02 -26.21 10.04
C LYS A 333 23.19 -25.20 11.17
N SER A 334 24.31 -25.22 11.87
CA SER A 334 24.54 -24.24 12.92
C SER A 334 24.58 -22.83 12.38
N LEU A 335 25.30 -22.63 11.26
CA LEU A 335 25.36 -21.31 10.65
C LEU A 335 23.97 -20.86 10.17
N CYS A 336 23.21 -21.78 9.59
CA CYS A 336 21.88 -21.43 9.10
C CYS A 336 20.95 -21.06 10.25
N THR A 337 21.00 -21.80 11.36
CA THR A 337 20.20 -21.45 12.52
C THR A 337 20.60 -20.11 13.09
N LEU A 338 21.91 -19.83 13.13
CA LEU A 338 22.38 -18.52 13.60
C LEU A 338 21.83 -17.40 12.73
N ALA A 339 21.89 -17.58 11.41
CA ALA A 339 21.39 -16.55 10.50
C ALA A 339 19.88 -16.38 10.63
N ALA A 340 19.14 -17.49 10.76
CA ALA A 340 17.70 -17.40 10.90
C ALA A 340 17.31 -16.71 12.20
N GLU A 341 18.01 -17.01 13.30
CA GLU A 341 17.74 -16.33 14.55
C GLU A 341 18.05 -14.84 14.44
N GLY A 342 19.16 -14.49 13.78
CA GLY A 342 19.47 -13.08 13.59
C GLY A 342 18.43 -12.35 12.77
N MET A 343 17.93 -12.99 11.72
CA MET A 343 16.90 -12.37 10.88
C MET A 343 15.58 -12.23 11.63
N TRP A 344 15.19 -13.25 12.40
CA TRP A 344 13.91 -13.20 13.08
C TRP A 344 13.92 -12.26 14.28
N THR A 345 15.05 -12.15 14.97
CA THR A 345 15.17 -11.23 16.10
C THR A 345 15.67 -9.86 15.68
N CYS A 346 15.87 -9.62 14.38
CA CYS A 346 16.36 -8.35 13.87
C CYS A 346 17.69 -7.96 14.52
N THR A 347 18.56 -8.93 14.70
CA THR A 347 19.90 -8.72 15.25
C THR A 347 20.92 -9.09 14.19
N PHE A 348 21.86 -8.17 13.94
CA PHE A 348 22.87 -8.37 12.91
C PHE A 348 24.29 -8.35 13.44
N LEU A 349 24.49 -8.05 14.72
CA LEU A 349 25.79 -8.16 15.37
C LEU A 349 25.73 -9.35 16.32
N PHE A 350 26.60 -10.32 16.10
CA PHE A 350 26.54 -11.60 16.80
C PHE A 350 27.65 -11.66 17.86
N CYS A 351 27.24 -11.59 19.12
CA CYS A 351 28.17 -11.75 20.22
C CYS A 351 28.65 -13.21 20.27
N PRO A 352 29.87 -13.45 20.75
CA PRO A 352 30.33 -14.84 20.89
C PRO A 352 29.43 -15.70 21.76
N GLU A 353 28.70 -15.11 22.70
CA GLU A 353 27.72 -15.87 23.46
C GLU A 353 26.64 -16.44 22.55
N ASP A 354 26.17 -15.64 21.58
CA ASP A 354 25.18 -16.12 20.63
C ASP A 354 25.76 -17.26 19.78
N LEU A 355 27.03 -17.14 19.38
CA LEU A 355 27.67 -18.21 18.62
C LEU A 355 27.74 -19.50 19.43
N ARG A 356 28.10 -19.39 20.71
CA ARG A 356 28.14 -20.58 21.56
C ARG A 356 26.74 -21.18 21.73
N ARG A 357 25.73 -20.32 21.90
CA ARG A 357 24.36 -20.83 22.03
C ARG A 357 23.91 -21.56 20.77
N ASN A 358 24.22 -21.00 19.60
CA ASN A 358 23.80 -21.61 18.34
C ASN A 358 24.67 -22.79 17.93
N GLY A 359 25.84 -22.95 18.52
CA GLY A 359 26.67 -24.10 18.22
C GLY A 359 27.76 -23.83 17.20
N VAL A 360 28.48 -22.73 17.38
CA VAL A 360 29.58 -22.35 16.49
C VAL A 360 30.86 -22.29 17.32
N SER A 361 31.88 -23.02 16.89
CA SER A 361 33.14 -23.13 17.60
C SER A 361 34.17 -22.17 17.03
N GLU A 362 35.31 -22.08 17.71
CA GLU A 362 36.39 -21.20 17.26
C GLU A 362 36.97 -21.66 15.92
N SER A 363 37.18 -22.97 15.77
CA SER A 363 37.70 -23.49 14.51
C SER A 363 36.72 -23.24 13.37
N ASP A 364 35.43 -23.47 13.62
CA ASP A 364 34.41 -23.20 12.60
C ASP A 364 34.35 -21.72 12.26
N THR A 365 34.46 -20.85 13.28
CA THR A 365 34.49 -19.41 13.04
C THR A 365 35.67 -19.03 12.15
N SER A 366 36.85 -19.59 12.45
CA SER A 366 38.01 -19.34 11.61
C SER A 366 37.79 -19.86 10.19
N MET A 367 37.09 -20.99 10.06
CA MET A 367 36.82 -21.55 8.74
C MET A 367 35.96 -20.61 7.91
N TRP A 368 34.87 -20.11 8.50
CA TRP A 368 34.04 -19.19 7.72
C TRP A 368 34.71 -17.84 7.50
N LEU A 369 35.55 -17.40 8.44
CA LEU A 369 36.32 -16.18 8.19
C LEU A 369 37.28 -16.37 7.01
N ASP A 370 37.90 -17.54 6.91
CA ASP A 370 38.80 -17.83 5.79
C ASP A 370 38.04 -17.91 4.48
N MET A 371 36.87 -18.55 4.48
CA MET A 371 36.09 -18.66 3.25
C MET A 371 35.24 -17.43 2.98
N LYS A 372 35.35 -16.39 3.81
CA LYS A 372 34.76 -15.07 3.54
C LYS A 372 33.23 -15.13 3.49
N LEU A 373 32.64 -15.63 4.58
CA LEU A 373 31.20 -15.52 4.79
C LEU A 373 30.83 -14.65 5.99
N LEU A 374 31.73 -14.52 6.96
CA LEU A 374 31.53 -13.66 8.12
C LEU A 374 32.78 -12.82 8.32
N HIS A 375 32.62 -11.71 9.05
CA HIS A 375 33.75 -10.83 9.30
C HIS A 375 33.52 -10.10 10.61
N ARG A 376 34.61 -9.59 11.19
CA ARG A 376 34.55 -8.86 12.44
C ARG A 376 34.03 -7.45 12.19
N SER A 377 33.08 -7.02 13.02
CA SER A 377 32.52 -5.67 12.99
C SER A 377 32.87 -4.93 14.27
N GLY A 378 34.12 -5.09 14.70
CA GLY A 378 34.55 -4.56 15.99
C GLY A 378 34.90 -5.69 16.95
N ASP A 379 34.14 -5.78 18.04
CA ASP A 379 34.31 -6.85 19.01
C ASP A 379 33.37 -8.03 18.78
N CYS A 380 32.53 -7.96 17.75
CA CYS A 380 31.58 -9.01 17.43
C CYS A 380 31.72 -9.41 15.96
N LEU A 381 30.92 -10.41 15.56
CA LEU A 381 30.93 -10.93 14.21
C LEU A 381 29.64 -10.56 13.49
N ALA A 382 29.71 -10.46 12.16
CA ALA A 382 28.54 -10.20 11.36
C ALA A 382 28.74 -10.82 9.98
N PHE A 383 27.63 -11.15 9.32
CA PHE A 383 27.71 -11.75 8.00
C PHE A 383 28.35 -10.78 7.01
N ILE A 384 28.94 -11.35 5.96
CA ILE A 384 29.63 -10.53 4.96
C ILE A 384 28.67 -9.54 4.32
N HIS A 385 27.39 -9.90 4.22
CA HIS A 385 26.37 -8.97 3.76
C HIS A 385 25.01 -9.42 4.27
N THR A 386 24.12 -8.45 4.44
CA THR A 386 22.77 -8.76 4.89
C THR A 386 22.08 -9.73 3.95
N CYS A 387 22.29 -9.57 2.64
CA CYS A 387 21.66 -10.45 1.66
C CYS A 387 22.10 -11.90 1.88
N ILE A 388 23.40 -12.10 2.10
CA ILE A 388 23.89 -13.43 2.46
C ILE A 388 23.26 -13.90 3.77
N GLN A 389 22.98 -12.96 4.67
CA GLN A 389 22.34 -13.35 5.93
C GLN A 389 20.96 -13.95 5.70
N GLU A 390 20.11 -13.28 4.91
CA GLU A 390 18.79 -13.90 4.71
C GLU A 390 18.90 -15.10 3.79
N PHE A 391 19.92 -15.17 2.95
CA PHE A 391 20.14 -16.37 2.16
C PHE A 391 20.36 -17.58 3.06
N CYS A 392 21.23 -17.42 4.07
CA CYS A 392 21.45 -18.51 5.02
C CYS A 392 20.20 -18.76 5.87
N ALA A 393 19.46 -17.70 6.21
CA ALA A 393 18.23 -17.87 6.96
C ALA A 393 17.22 -18.72 6.21
N ALA A 394 17.07 -18.47 4.90
CA ALA A 394 16.19 -19.29 4.08
C ALA A 394 16.74 -20.70 3.92
N MET A 395 18.07 -20.82 3.83
CA MET A 395 18.69 -22.14 3.79
C MET A 395 18.38 -22.96 5.03
N PHE A 396 18.21 -22.28 6.17
CA PHE A 396 17.89 -22.99 7.41
C PHE A 396 16.61 -23.79 7.30
N TYR A 397 15.63 -23.30 6.54
CA TYR A 397 14.34 -23.96 6.46
C TYR A 397 14.40 -25.27 5.68
N MET A 398 15.52 -25.58 5.05
CA MET A 398 15.70 -26.87 4.38
C MET A 398 16.07 -27.99 5.34
N PHE A 399 16.30 -27.68 6.62
CA PHE A 399 16.68 -28.66 7.63
C PHE A 399 15.55 -28.92 8.61
N THR A 400 14.31 -28.92 8.13
CA THR A 400 13.16 -29.15 9.00
C THR A 400 13.14 -30.60 9.47
N ARG A 401 12.97 -30.79 10.77
CA ARG A 401 12.89 -32.11 11.39
C ARG A 401 11.57 -32.23 12.13
N PRO A 402 10.67 -33.13 11.70
CA PRO A 402 9.40 -33.28 12.44
C PRO A 402 9.58 -33.69 13.88
N LYS A 403 10.61 -34.48 14.19
CA LYS A 403 10.85 -34.90 15.57
C LYS A 403 11.21 -33.71 16.46
N ASP A 404 12.00 -32.78 15.95
CA ASP A 404 12.41 -31.64 16.75
C ASP A 404 11.20 -30.75 17.05
N PRO A 405 11.08 -30.23 18.26
CA PRO A 405 9.97 -29.36 18.60
C PRO A 405 10.18 -27.97 18.02
N PRO A 406 9.14 -27.13 18.00
CA PRO A 406 9.31 -25.77 17.48
C PRO A 406 10.36 -24.99 18.27
N HIS A 407 11.10 -24.15 17.55
CA HIS A 407 12.20 -23.40 18.16
C HIS A 407 11.73 -22.35 19.14
N SER A 408 10.45 -21.97 19.09
CA SER A 408 9.82 -20.96 19.94
C SER A 408 10.34 -19.55 19.69
N VAL A 409 11.32 -19.39 18.80
CA VAL A 409 11.84 -18.08 18.41
C VAL A 409 11.74 -17.87 16.90
N ILE A 410 12.16 -18.88 16.13
CA ILE A 410 12.09 -18.82 14.69
C ILE A 410 10.75 -19.39 14.23
N GLY A 411 10.00 -18.61 13.46
CA GLY A 411 8.73 -19.06 12.97
C GLY A 411 8.87 -20.13 11.91
N ASN A 412 7.76 -20.81 11.64
CA ASN A 412 7.74 -21.88 10.65
C ASN A 412 7.63 -21.28 9.26
N VAL A 413 7.45 -22.14 8.25
CA VAL A 413 7.36 -21.67 6.88
C VAL A 413 6.13 -20.80 6.68
N THR A 414 5.00 -21.20 7.27
CA THR A 414 3.76 -20.44 7.12
C THR A 414 3.90 -19.04 7.70
N GLN A 415 4.50 -18.92 8.90
CA GLN A 415 4.68 -17.63 9.51
C GLN A 415 5.61 -16.74 8.68
N LEU A 416 6.70 -17.31 8.16
CA LEU A 416 7.61 -16.54 7.33
C LEU A 416 6.93 -16.05 6.06
N ILE A 417 6.17 -16.92 5.40
CA ILE A 417 5.46 -16.53 4.19
C ILE A 417 4.46 -15.43 4.48
N THR A 418 3.70 -15.57 5.57
CA THR A 418 2.71 -14.56 5.92
C THR A 418 3.36 -13.23 6.22
N ARG A 419 4.48 -13.24 6.96
CA ARG A 419 5.16 -12.00 7.28
C ARG A 419 5.86 -11.38 6.06
N ALA A 420 6.21 -12.19 5.06
CA ALA A 420 6.90 -11.68 3.90
C ALA A 420 5.96 -11.14 2.83
N VAL A 421 4.83 -11.81 2.59
CA VAL A 421 3.93 -11.40 1.50
C VAL A 421 2.92 -10.37 1.94
N SER A 422 2.82 -10.07 3.24
CA SER A 422 1.89 -9.07 3.72
C SER A 422 2.56 -7.70 3.75
N GLY A 423 1.80 -6.68 3.34
CA GLY A 423 2.35 -5.34 3.25
C GLY A 423 2.54 -4.60 4.55
N HIS A 424 2.01 -5.14 5.66
CA HIS A 424 2.14 -4.46 6.94
C HIS A 424 3.60 -4.40 7.39
N TYR A 425 4.27 -5.54 7.42
CA TYR A 425 5.68 -5.60 7.81
C TYR A 425 6.61 -5.61 6.59
N SER A 426 6.50 -6.64 5.75
CA SER A 426 7.32 -6.79 4.55
C SER A 426 8.80 -6.66 4.87
N ARG A 427 9.24 -7.36 5.91
CA ARG A 427 10.63 -7.30 6.36
C ARG A 427 11.45 -8.54 6.03
N LEU A 428 10.81 -9.70 5.88
CA LEU A 428 11.50 -10.94 5.53
C LEU A 428 11.11 -11.41 4.13
N SER A 429 10.91 -10.46 3.20
CA SER A 429 10.52 -10.83 1.84
C SER A 429 11.65 -11.58 1.14
N TRP A 430 12.86 -11.04 1.18
CA TRP A 430 13.98 -11.65 0.48
C TRP A 430 14.16 -13.11 0.90
N THR A 431 14.08 -13.37 2.21
CA THR A 431 14.17 -14.75 2.69
C THR A 431 13.17 -15.63 1.96
N ALA A 432 11.90 -15.22 1.94
CA ALA A 432 10.88 -15.98 1.25
C ALA A 432 11.27 -16.20 -0.20
N VAL A 433 11.81 -15.16 -0.85
CA VAL A 433 12.22 -15.29 -2.25
C VAL A 433 13.20 -16.46 -2.38
N PHE A 434 14.24 -16.47 -1.55
CA PHE A 434 15.20 -17.57 -1.60
C PHE A 434 14.51 -18.89 -1.31
N LEU A 435 13.62 -18.90 -0.31
CA LEU A 435 12.89 -20.11 0.01
C LEU A 435 12.09 -20.59 -1.19
N PHE A 436 11.51 -19.66 -1.95
CA PHE A 436 10.78 -20.05 -3.14
C PHE A 436 11.69 -20.74 -4.13
N VAL A 437 12.90 -20.21 -4.31
CA VAL A 437 13.85 -20.84 -5.22
C VAL A 437 14.24 -22.22 -4.71
N PHE A 438 14.16 -22.43 -3.40
CA PHE A 438 14.45 -23.74 -2.84
C PHE A 438 13.31 -24.72 -3.02
N SER A 439 12.11 -24.25 -3.38
CA SER A 439 10.98 -25.15 -3.59
C SER A 439 11.08 -25.93 -4.90
N THR A 440 11.77 -25.38 -5.90
CA THR A 440 11.86 -26.05 -7.19
C THR A 440 12.65 -27.35 -7.08
N GLU A 441 12.23 -28.35 -7.86
CA GLU A 441 12.90 -29.65 -7.84
C GLU A 441 14.34 -29.55 -8.31
N ARG A 442 14.58 -28.77 -9.37
CA ARG A 442 15.94 -28.67 -9.92
C ARG A 442 16.90 -28.03 -8.93
N MET A 443 16.48 -26.95 -8.27
CA MET A 443 17.38 -26.26 -7.34
C MET A 443 17.67 -27.12 -6.11
N THR A 444 16.65 -27.76 -5.55
CA THR A 444 16.89 -28.62 -4.40
C THR A 444 17.70 -29.85 -4.78
N HIS A 445 17.53 -30.36 -6.00
CA HIS A 445 18.36 -31.47 -6.45
C HIS A 445 19.82 -31.05 -6.59
N ARG A 446 20.06 -29.85 -7.14
CA ARG A 446 21.42 -29.34 -7.22
C ARG A 446 22.02 -29.16 -5.82
N LEU A 447 21.22 -28.63 -4.89
CA LEU A 447 21.71 -28.43 -3.53
C LEU A 447 22.06 -29.75 -2.87
N GLU A 448 21.20 -30.76 -3.03
CA GLU A 448 21.49 -32.07 -2.45
C GLU A 448 22.72 -32.70 -3.08
N THR A 449 22.86 -32.58 -4.41
CA THR A 449 24.01 -33.17 -5.08
C THR A 449 25.31 -32.49 -4.64
N SER A 450 25.30 -31.17 -4.54
CA SER A 450 26.53 -30.45 -4.18
C SER A 450 26.89 -30.67 -2.71
N PHE A 451 25.90 -30.56 -1.82
CA PHE A 451 26.19 -30.68 -0.40
C PHE A 451 26.48 -32.12 0.00
N GLY A 452 25.78 -33.08 -0.61
CA GLY A 452 25.99 -34.49 -0.33
C GLY A 452 25.01 -35.10 0.65
N PHE A 453 24.23 -34.28 1.37
CA PHE A 453 23.25 -34.80 2.30
C PHE A 453 21.84 -34.42 1.85
N PRO A 454 20.85 -35.26 2.12
CA PRO A 454 19.49 -34.98 1.66
C PRO A 454 18.89 -33.78 2.39
N LEU A 455 17.98 -33.11 1.70
CA LEU A 455 17.27 -31.95 2.24
C LEU A 455 15.78 -32.22 2.25
N SER A 456 15.05 -31.40 3.02
CA SER A 456 13.61 -31.56 3.12
C SER A 456 12.94 -31.24 1.79
N LYS A 457 11.93 -32.03 1.44
CA LYS A 457 11.21 -31.87 0.19
C LYS A 457 9.75 -31.48 0.37
N GLU A 458 9.31 -31.20 1.59
CA GLU A 458 7.94 -30.76 1.85
C GLU A 458 7.81 -29.25 1.90
N ILE A 459 8.89 -28.51 1.62
CA ILE A 459 8.84 -27.05 1.68
C ILE A 459 7.88 -26.50 0.63
N LYS A 460 7.93 -27.04 -0.58
CA LYS A 460 7.03 -26.57 -1.63
C LYS A 460 5.57 -26.82 -1.26
N GLN A 461 5.27 -28.00 -0.72
CA GLN A 461 3.90 -28.31 -0.31
C GLN A 461 3.45 -27.39 0.81
N GLU A 462 4.33 -27.13 1.78
CA GLU A 462 3.98 -26.23 2.88
C GLU A 462 3.73 -24.81 2.38
N ILE A 463 4.56 -24.34 1.45
CA ILE A 463 4.36 -23.01 0.87
C ILE A 463 3.04 -22.94 0.13
N THR A 464 2.71 -23.99 -0.63
CA THR A 464 1.44 -24.01 -1.36
C THR A 464 0.26 -23.96 -0.39
N GLN A 465 0.33 -24.76 0.69
CA GLN A 465 -0.75 -24.74 1.67
C GLN A 465 -0.89 -23.38 2.34
N SER A 466 0.24 -22.76 2.70
CA SER A 466 0.18 -21.45 3.33
C SER A 466 -0.41 -20.40 2.39
N LEU A 467 0.02 -20.41 1.12
CA LEU A 467 -0.50 -19.45 0.18
C LEU A 467 -1.99 -19.66 -0.07
N ASP A 468 -2.44 -20.93 -0.11
CA ASP A 468 -3.86 -21.19 -0.22
C ASP A 468 -4.61 -20.67 1.00
N THR A 469 -4.06 -20.87 2.19
CA THR A 469 -4.72 -20.40 3.41
C THR A 469 -4.87 -18.88 3.40
N LEU A 470 -3.81 -18.16 3.03
CA LEU A 470 -3.91 -16.70 2.95
C LEU A 470 -4.84 -16.26 1.80
N SER A 471 -4.91 -17.03 0.72
CA SER A 471 -5.84 -16.69 -0.35
C SER A 471 -7.29 -16.82 0.12
N GLN A 472 -7.58 -17.85 0.92
CA GLN A 472 -8.93 -18.01 1.45
C GLN A 472 -9.33 -16.89 2.39
N CYS A 473 -8.37 -16.21 3.02
CA CYS A 473 -8.69 -15.11 3.91
C CYS A 473 -9.20 -13.91 3.12
N ASP A 474 -9.99 -13.07 3.78
CA ASP A 474 -10.53 -11.89 3.13
C ASP A 474 -9.41 -10.90 2.81
N PRO A 475 -9.43 -10.28 1.63
CA PRO A 475 -8.33 -9.37 1.26
C PRO A 475 -8.22 -8.14 2.15
N ASN A 476 -9.31 -7.71 2.78
CA ASN A 476 -9.27 -6.46 3.55
C ASN A 476 -8.49 -6.63 4.85
N ASN A 477 -8.70 -7.74 5.56
CA ASN A 477 -8.05 -7.93 6.85
C ASN A 477 -6.59 -8.30 6.75
N VAL A 478 -6.12 -8.76 5.59
CA VAL A 478 -4.73 -9.17 5.41
C VAL A 478 -3.90 -8.07 4.76
N MET A 479 -4.48 -7.35 3.80
CA MET A 479 -3.77 -6.31 3.05
C MET A 479 -2.49 -6.87 2.44
N MET A 480 -2.65 -7.93 1.65
CA MET A 480 -1.50 -8.64 1.10
C MET A 480 -0.78 -7.79 0.06
N SER A 481 0.55 -7.84 0.09
CA SER A 481 1.38 -7.14 -0.88
C SER A 481 1.69 -8.09 -2.02
N PHE A 482 0.97 -7.92 -3.14
CA PHE A 482 1.13 -8.82 -4.27
C PHE A 482 2.48 -8.65 -4.96
N GLN A 483 3.17 -7.54 -4.73
CA GLN A 483 4.47 -7.33 -5.36
C GLN A 483 5.49 -8.38 -4.91
N ALA A 484 5.53 -8.65 -3.60
CA ALA A 484 6.47 -9.64 -3.09
C ALA A 484 6.13 -11.04 -3.59
N LEU A 485 4.85 -11.40 -3.61
CA LEU A 485 4.46 -12.70 -4.11
C LEU A 485 4.81 -12.86 -5.59
N PHE A 486 4.56 -11.82 -6.38
CA PHE A 486 4.89 -11.88 -7.81
C PHE A 486 6.40 -11.96 -8.02
N ASN A 487 7.17 -11.25 -7.20
CA ASN A 487 8.63 -11.37 -7.28
C ASN A 487 9.08 -12.78 -6.97
N CYS A 488 8.51 -13.40 -5.93
CA CYS A 488 8.86 -14.78 -5.60
C CYS A 488 8.50 -15.72 -6.75
N LEU A 489 7.32 -15.54 -7.35
CA LEU A 489 6.89 -16.41 -8.42
C LEU A 489 7.76 -16.24 -9.67
N PHE A 490 8.18 -15.00 -9.95
CA PHE A 490 9.09 -14.79 -11.07
C PHE A 490 10.45 -15.40 -10.80
N GLU A 491 10.92 -15.33 -9.56
CA GLU A 491 12.25 -15.85 -9.24
C GLU A 491 12.27 -17.38 -9.20
N THR A 492 11.15 -18.02 -8.87
CA THR A 492 11.17 -19.47 -8.75
C THR A 492 11.23 -20.16 -10.10
N GLN A 493 10.71 -19.51 -11.15
CA GLN A 493 10.74 -20.03 -12.52
C GLN A 493 10.16 -21.43 -12.61
N ASP A 494 8.99 -21.61 -11.99
CA ASP A 494 8.26 -22.87 -12.02
C ASP A 494 6.85 -22.59 -12.55
N PRO A 495 6.64 -22.67 -13.87
CA PRO A 495 5.34 -22.26 -14.43
C PRO A 495 4.15 -22.99 -13.84
N GLU A 496 4.26 -24.28 -13.57
CA GLU A 496 3.15 -25.00 -12.95
C GLU A 496 2.92 -24.54 -11.52
N PHE A 497 4.00 -24.36 -10.75
CA PHE A 497 3.87 -23.83 -9.40
C PHE A 497 3.34 -22.40 -9.42
N VAL A 498 3.80 -21.59 -10.38
CA VAL A 498 3.30 -20.23 -10.50
C VAL A 498 1.81 -20.23 -10.79
N ALA A 499 1.36 -21.10 -11.69
CA ALA A 499 -0.07 -21.19 -11.98
C ALA A 499 -0.86 -21.62 -10.75
N GLN A 500 -0.36 -22.62 -10.03
CA GLN A 500 -1.05 -23.11 -8.84
C GLN A 500 -1.16 -22.02 -7.78
N VAL A 501 -0.11 -21.22 -7.62
CA VAL A 501 -0.14 -20.14 -6.63
C VAL A 501 -1.08 -19.03 -7.08
N VAL A 502 -1.00 -18.63 -8.36
CA VAL A 502 -1.77 -17.49 -8.82
C VAL A 502 -3.26 -17.80 -8.83
N ASN A 503 -3.64 -19.01 -9.25
CA ASN A 503 -5.05 -19.35 -9.32
C ASN A 503 -5.73 -19.38 -7.96
N PHE A 504 -4.94 -19.41 -6.88
CA PHE A 504 -5.53 -19.38 -5.55
C PHE A 504 -6.15 -18.02 -5.23
N PHE A 505 -5.58 -16.95 -5.77
CA PHE A 505 -6.06 -15.60 -5.47
C PHE A 505 -7.04 -15.13 -6.53
N LYS A 506 -8.17 -14.58 -6.08
CA LYS A 506 -9.21 -14.08 -6.97
C LYS A 506 -9.14 -12.58 -7.19
N ASP A 507 -8.83 -11.81 -6.14
CA ASP A 507 -8.69 -10.36 -6.24
C ASP A 507 -7.21 -10.03 -6.28
N ILE A 508 -6.79 -9.29 -7.32
CA ILE A 508 -5.38 -8.95 -7.52
C ILE A 508 -5.25 -7.44 -7.57
N ASP A 509 -4.40 -6.89 -6.71
CA ASP A 509 -4.02 -5.48 -6.73
C ASP A 509 -2.55 -5.39 -7.10
N ILE A 510 -2.22 -4.48 -8.02
CA ILE A 510 -0.86 -4.42 -8.53
C ILE A 510 -0.51 -2.98 -8.89
N TYR A 511 0.75 -2.63 -8.64
CA TYR A 511 1.34 -1.36 -9.06
C TYR A 511 2.54 -1.65 -9.94
N ILE A 512 2.56 -1.08 -11.13
CA ILE A 512 3.61 -1.33 -12.13
C ILE A 512 4.26 0.00 -12.47
N GLY A 513 5.45 0.24 -11.94
CA GLY A 513 6.15 1.49 -12.19
C GLY A 513 7.49 1.32 -12.86
N THR A 514 7.93 0.08 -13.05
CA THR A 514 9.23 -0.21 -13.63
C THR A 514 9.08 -1.35 -14.63
N LYS A 515 9.96 -1.36 -15.63
CA LYS A 515 9.94 -2.43 -16.63
C LYS A 515 10.15 -3.79 -15.99
N GLU A 516 10.98 -3.86 -14.95
CA GLU A 516 11.16 -5.11 -14.22
C GLU A 516 9.86 -5.55 -13.57
N GLU A 517 9.11 -4.60 -13.00
CA GLU A 517 7.80 -4.93 -12.46
C GLU A 517 6.86 -5.41 -13.57
N LEU A 518 6.93 -4.80 -14.74
CA LEU A 518 6.08 -5.21 -15.85
C LEU A 518 6.38 -6.64 -16.29
N ILE A 519 7.66 -6.98 -16.43
CA ILE A 519 8.01 -8.34 -16.88
C ILE A 519 7.65 -9.35 -15.80
N ILE A 520 7.86 -9.00 -14.52
CA ILE A 520 7.46 -9.91 -13.45
C ILE A 520 5.96 -10.16 -13.48
N CYS A 521 5.17 -9.10 -13.63
CA CYS A 521 3.72 -9.26 -13.68
C CYS A 521 3.28 -10.05 -14.90
N ALA A 522 3.94 -9.84 -16.04
CA ALA A 522 3.61 -10.61 -17.23
C ALA A 522 3.91 -12.09 -17.04
N ALA A 523 5.08 -12.40 -16.46
CA ALA A 523 5.41 -13.79 -16.19
C ALA A 523 4.44 -14.42 -15.21
N CYS A 524 3.93 -13.64 -14.26
CA CYS A 524 2.98 -14.19 -13.29
C CYS A 524 1.58 -14.37 -13.87
N LEU A 525 1.15 -13.48 -14.76
CA LEU A 525 -0.23 -13.44 -15.23
C LEU A 525 -0.40 -13.90 -16.68
N ARG A 526 0.65 -14.44 -17.31
CA ARG A 526 0.50 -14.97 -18.66
C ARG A 526 -0.51 -16.12 -18.69
N HIS A 527 -0.47 -16.98 -17.68
CA HIS A 527 -1.32 -18.17 -17.64
C HIS A 527 -2.22 -18.19 -16.42
N CYS A 528 -2.87 -17.06 -16.15
CA CYS A 528 -3.87 -16.95 -15.09
C CYS A 528 -5.26 -17.03 -15.71
N HIS A 529 -6.09 -17.91 -15.16
CA HIS A 529 -7.45 -18.11 -15.67
C HIS A 529 -8.45 -18.22 -14.52
N SER A 530 -8.23 -17.45 -13.45
CA SER A 530 -9.16 -17.43 -12.33
C SER A 530 -9.40 -16.03 -11.80
N LEU A 531 -8.94 -14.99 -12.49
CA LEU A 531 -9.08 -13.64 -11.98
C LEU A 531 -10.52 -13.16 -12.07
N GLN A 532 -10.97 -12.45 -11.02
CA GLN A 532 -12.31 -11.87 -11.01
C GLN A 532 -12.31 -10.38 -10.72
N LYS A 533 -11.38 -9.89 -9.89
CA LYS A 533 -11.27 -8.47 -9.58
C LYS A 533 -9.83 -8.04 -9.77
N PHE A 534 -9.62 -7.00 -10.57
CA PHE A 534 -8.28 -6.51 -10.88
C PHE A 534 -8.21 -5.03 -10.56
N HIS A 535 -7.14 -4.64 -9.86
CA HIS A 535 -6.86 -3.24 -9.55
C HIS A 535 -5.45 -2.95 -10.05
N LEU A 536 -5.32 -1.96 -10.94
CA LEU A 536 -4.06 -1.69 -11.61
C LEU A 536 -3.69 -0.23 -11.44
N CYS A 537 -2.49 0.03 -10.91
CA CYS A 537 -1.91 1.37 -10.84
C CYS A 537 -0.60 1.30 -11.60
N MET A 538 -0.61 1.74 -12.86
CA MET A 538 0.49 1.49 -13.78
C MET A 538 0.96 2.80 -14.38
N GLU A 539 2.25 3.10 -14.20
CA GLU A 539 2.82 4.39 -14.59
C GLU A 539 4.27 4.19 -15.03
N HIS A 540 4.76 5.17 -15.79
CA HIS A 540 6.18 5.34 -16.12
C HIS A 540 6.75 4.16 -16.89
N VAL A 541 5.93 3.42 -17.63
CA VAL A 541 6.41 2.21 -18.29
C VAL A 541 6.40 2.34 -19.81
N PHE A 542 5.27 2.74 -20.39
CA PHE A 542 5.17 2.83 -21.84
C PHE A 542 5.91 4.06 -22.37
N PRO A 543 6.27 4.08 -23.69
CA PRO A 543 7.22 5.07 -24.19
C PRO A 543 6.97 6.51 -23.78
N ASP A 544 7.91 7.04 -23.00
CA ASP A 544 8.04 8.47 -22.75
C ASP A 544 9.46 8.99 -22.89
N GLU A 545 10.45 8.10 -22.92
CA GLU A 545 11.84 8.46 -23.17
C GLU A 545 12.56 7.22 -23.69
N SER A 546 13.71 7.44 -24.32
CA SER A 546 14.51 6.37 -24.91
C SER A 546 13.71 5.55 -25.92
N GLY A 547 13.29 6.22 -26.98
CA GLY A 547 12.45 5.61 -27.99
C GLY A 547 13.18 4.68 -28.94
N CYS A 548 13.88 3.69 -28.38
CA CYS A 548 14.58 2.72 -29.21
C CYS A 548 13.59 1.73 -29.83
N ILE A 549 14.05 1.05 -30.89
CA ILE A 549 13.22 0.04 -31.54
C ILE A 549 12.92 -1.10 -30.60
N SER A 550 13.93 -1.53 -29.83
CA SER A 550 13.75 -2.61 -28.87
C SER A 550 13.09 -2.08 -27.59
N ASN A 551 13.04 -2.89 -26.55
CA ASN A 551 12.30 -2.58 -25.32
C ASN A 551 10.85 -2.53 -25.72
N THR A 552 10.41 -1.51 -26.42
CA THR A 552 9.02 -1.16 -26.56
C THR A 552 8.14 -2.17 -27.24
N ILE A 553 8.61 -2.80 -28.30
CA ILE A 553 7.76 -3.79 -28.93
C ILE A 553 7.48 -4.94 -27.96
N GLU A 554 8.52 -5.36 -27.27
CA GLU A 554 8.47 -6.36 -26.25
C GLU A 554 7.63 -5.90 -25.09
N LYS A 555 7.67 -4.62 -24.76
CA LYS A 555 6.85 -4.10 -23.72
C LYS A 555 5.44 -4.31 -24.10
N LEU A 556 5.06 -3.99 -25.33
CA LEU A 556 3.70 -4.23 -25.74
C LEU A 556 3.35 -5.67 -25.66
N THR A 557 4.24 -6.56 -26.07
CA THR A 557 3.93 -7.97 -25.93
C THR A 557 3.69 -8.30 -24.48
N LEU A 558 4.52 -7.78 -23.59
CA LEU A 558 4.29 -7.99 -22.17
C LEU A 558 2.92 -7.50 -21.74
N TRP A 559 2.51 -6.33 -22.24
CA TRP A 559 1.19 -5.80 -21.92
C TRP A 559 0.09 -6.69 -22.47
N ARG A 560 0.27 -7.23 -23.67
CA ARG A 560 -0.72 -8.14 -24.24
C ARG A 560 -0.81 -9.42 -23.41
N ASP A 561 0.34 -9.93 -22.95
CA ASP A 561 0.33 -11.11 -22.08
C ASP A 561 -0.39 -10.82 -20.77
N VAL A 562 -0.19 -9.63 -20.21
CA VAL A 562 -0.90 -9.25 -18.99
C VAL A 562 -2.41 -9.18 -19.26
N CYS A 563 -2.80 -8.57 -20.37
CA CYS A 563 -4.22 -8.44 -20.71
C CYS A 563 -4.86 -9.78 -21.03
N SER A 564 -4.07 -10.77 -21.43
CA SER A 564 -4.62 -12.09 -21.74
C SER A 564 -5.36 -12.70 -20.57
N ALA A 565 -5.00 -12.33 -19.34
CA ALA A 565 -5.71 -12.84 -18.16
C ALA A 565 -7.14 -12.32 -18.11
N PHE A 566 -7.39 -11.13 -18.67
CA PHE A 566 -8.74 -10.58 -18.66
C PHE A 566 -9.69 -11.43 -19.48
N ALA A 567 -9.25 -11.91 -20.65
CA ALA A 567 -10.10 -12.67 -21.54
C ALA A 567 -9.97 -14.17 -21.37
N ALA A 568 -8.94 -14.65 -20.67
CA ALA A 568 -8.76 -16.09 -20.49
C ALA A 568 -9.56 -16.65 -19.32
N SER A 569 -10.14 -15.79 -18.48
CA SER A 569 -10.91 -16.23 -17.32
C SER A 569 -12.34 -15.74 -17.47
N GLU A 570 -13.30 -16.66 -17.36
CA GLU A 570 -14.71 -16.30 -17.44
C GLU A 570 -15.29 -16.00 -16.06
N ASP A 571 -14.59 -15.14 -15.32
CA ASP A 571 -15.09 -14.65 -14.04
C ASP A 571 -14.69 -13.20 -13.81
N PHE A 572 -14.09 -12.55 -14.80
CA PHE A 572 -13.60 -11.18 -14.65
C PHE A 572 -14.78 -10.24 -14.48
N GLU A 573 -14.93 -9.68 -13.27
CA GLU A 573 -16.08 -8.86 -12.93
C GLU A 573 -15.72 -7.37 -12.83
N ILE A 574 -14.70 -7.04 -12.04
CA ILE A 574 -14.38 -5.66 -11.72
C ILE A 574 -12.98 -5.35 -12.22
N LEU A 575 -12.86 -4.25 -12.96
CA LEU A 575 -11.56 -3.75 -13.43
C LEU A 575 -11.44 -2.30 -12.97
N ASN A 576 -10.38 -2.00 -12.21
CA ASN A 576 -10.19 -0.70 -11.58
C ASN A 576 -8.84 -0.14 -12.01
N LEU A 577 -8.86 0.81 -12.94
CA LEU A 577 -7.65 1.50 -13.39
C LEU A 577 -7.49 2.77 -12.58
N ASP A 578 -6.54 2.77 -11.64
CA ASP A 578 -6.32 3.88 -10.74
C ASP A 578 -5.06 4.62 -11.19
N ASN A 579 -5.24 5.85 -11.66
CA ASN A 579 -4.12 6.75 -12.00
C ASN A 579 -3.19 6.13 -13.04
N CYS A 580 -3.74 5.33 -13.95
CA CYS A 580 -2.93 4.68 -14.96
C CYS A 580 -2.51 5.66 -16.04
N ARG A 581 -1.35 5.41 -16.63
CA ARG A 581 -0.78 6.26 -17.68
C ARG A 581 -0.61 5.41 -18.94
N PHE A 582 -1.49 5.60 -19.90
CA PHE A 582 -1.51 4.81 -21.13
C PHE A 582 -1.06 5.64 -22.32
N ASP A 583 -0.73 4.94 -23.40
CA ASP A 583 -0.45 5.52 -24.70
C ASP A 583 -1.45 4.96 -25.71
N GLU A 584 -1.34 5.44 -26.95
CA GLU A 584 -2.27 4.99 -27.99
C GLU A 584 -2.20 3.49 -28.26
N PRO A 585 -1.03 2.89 -28.52
CA PRO A 585 -1.04 1.45 -28.85
C PRO A 585 -1.37 0.57 -27.66
N SER A 586 -0.87 0.90 -26.46
CA SER A 586 -1.18 0.10 -25.28
C SER A 586 -2.67 0.12 -24.97
N LEU A 587 -3.28 1.30 -24.98
CA LEU A 587 -4.70 1.40 -24.67
C LEU A 587 -5.53 0.75 -25.78
N ALA A 588 -5.08 0.87 -27.03
CA ALA A 588 -5.77 0.20 -28.13
C ALA A 588 -5.74 -1.31 -27.95
N VAL A 589 -4.59 -1.86 -27.53
CA VAL A 589 -4.49 -3.30 -27.29
C VAL A 589 -5.40 -3.70 -26.13
N LEU A 590 -5.42 -2.90 -25.07
CA LEU A 590 -6.30 -3.21 -23.94
C LEU A 590 -7.77 -3.20 -24.37
N CYS A 591 -8.17 -2.23 -25.18
CA CYS A 591 -9.55 -2.15 -25.64
C CYS A 591 -9.88 -3.32 -26.58
N ARG A 592 -8.93 -3.72 -27.42
CA ARG A 592 -9.16 -4.89 -28.27
C ARG A 592 -9.34 -6.14 -27.45
N THR A 593 -8.56 -6.30 -26.38
CA THR A 593 -8.72 -7.45 -25.49
C THR A 593 -10.06 -7.41 -24.78
N LEU A 594 -10.46 -6.24 -24.28
CA LEU A 594 -11.70 -6.13 -23.51
C LEU A 594 -12.94 -6.21 -24.39
N SER A 595 -12.84 -5.87 -25.67
CA SER A 595 -14.00 -5.81 -26.55
C SER A 595 -14.38 -7.15 -27.13
N GLN A 596 -13.60 -8.19 -26.89
CA GLN A 596 -13.94 -9.52 -27.41
C GLN A 596 -15.24 -10.00 -26.77
N PRO A 597 -16.12 -10.64 -27.54
CA PRO A 597 -17.37 -11.15 -26.96
C PRO A 597 -17.16 -12.21 -25.89
N VAL A 598 -16.01 -12.87 -25.88
CA VAL A 598 -15.75 -13.89 -24.87
C VAL A 598 -15.59 -13.25 -23.49
N CYS A 599 -15.13 -12.01 -23.43
CA CYS A 599 -14.97 -11.33 -22.15
C CYS A 599 -16.31 -10.91 -21.58
N LYS A 600 -16.42 -10.93 -20.26
CA LYS A 600 -17.66 -10.59 -19.56
C LYS A 600 -17.40 -9.58 -18.44
N LEU A 601 -16.64 -8.53 -18.76
CA LEU A 601 -16.40 -7.47 -17.78
C LEU A 601 -17.70 -6.76 -17.43
N ARG A 602 -17.90 -6.53 -16.13
CA ARG A 602 -19.13 -5.93 -15.62
C ARG A 602 -18.93 -4.55 -15.03
N LYS A 603 -17.93 -4.35 -14.18
CA LYS A 603 -17.70 -3.09 -13.50
C LYS A 603 -16.40 -2.48 -13.99
N PHE A 604 -16.46 -1.23 -14.43
CA PHE A 604 -15.29 -0.49 -14.91
C PHE A 604 -15.14 0.76 -14.05
N VAL A 605 -14.09 0.80 -13.24
CA VAL A 605 -13.82 1.93 -12.35
C VAL A 605 -12.54 2.59 -12.82
N CYS A 606 -12.65 3.73 -13.48
CA CYS A 606 -11.52 4.43 -14.05
C CYS A 606 -11.33 5.74 -13.29
N ASN A 607 -10.23 5.86 -12.56
CA ASN A 607 -9.97 7.02 -11.72
C ASN A 607 -8.85 7.85 -12.30
N PHE A 608 -9.08 9.16 -12.41
CA PHE A 608 -8.07 10.14 -12.82
C PHE A 608 -7.45 9.76 -14.18
N ALA A 609 -8.30 9.36 -15.12
CA ALA A 609 -7.83 9.01 -16.46
C ALA A 609 -8.96 9.29 -17.45
N SER A 610 -8.86 10.43 -18.13
CA SER A 610 -9.84 10.78 -19.16
C SER A 610 -9.20 11.80 -20.10
N ASN A 611 -8.92 11.37 -21.33
CA ASN A 611 -8.34 12.25 -22.35
C ASN A 611 -9.04 11.96 -23.67
N LEU A 612 -8.68 12.72 -24.71
CA LEU A 612 -9.35 12.59 -26.01
C LEU A 612 -9.19 11.18 -26.57
N ALA A 613 -7.94 10.71 -26.66
CA ALA A 613 -7.71 9.33 -27.08
C ALA A 613 -8.29 8.35 -26.07
N ASN A 614 -8.13 8.66 -24.77
CA ASN A 614 -8.71 7.82 -23.73
C ASN A 614 -10.22 7.77 -23.87
N SER A 615 -10.85 8.91 -24.13
CA SER A 615 -12.30 8.94 -24.30
C SER A 615 -12.73 8.11 -25.51
N LEU A 616 -12.03 8.26 -26.64
CA LEU A 616 -12.39 7.51 -27.83
C LEU A 616 -12.27 6.01 -27.59
N GLU A 617 -11.19 5.57 -26.94
CA GLU A 617 -11.01 4.16 -26.67
C GLU A 617 -12.06 3.63 -25.68
N LEU A 618 -12.42 4.44 -24.68
CA LEU A 618 -13.48 4.04 -23.77
C LEU A 618 -14.82 3.93 -24.50
N PHE A 619 -15.05 4.82 -25.48
CA PHE A 619 -16.26 4.71 -26.29
C PHE A 619 -16.27 3.42 -27.08
N LYS A 620 -15.10 3.03 -27.63
CA LYS A 620 -15.01 1.74 -28.31
C LYS A 620 -15.34 0.59 -27.37
N VAL A 621 -14.82 0.65 -26.14
CA VAL A 621 -15.09 -0.40 -25.15
C VAL A 621 -16.58 -0.48 -24.87
N ILE A 622 -17.21 0.68 -24.63
CA ILE A 622 -18.64 0.69 -24.30
C ILE A 622 -19.46 0.17 -25.47
N LEU A 623 -19.13 0.59 -26.69
CA LEU A 623 -19.90 0.18 -27.86
C LEU A 623 -19.77 -1.32 -28.11
N HIS A 624 -18.57 -1.87 -28.02
CA HIS A 624 -18.35 -3.26 -28.40
C HIS A 624 -18.65 -4.25 -27.28
N ASN A 625 -18.87 -3.80 -26.05
CA ASN A 625 -19.11 -4.72 -24.94
C ASN A 625 -20.57 -4.67 -24.52
N PRO A 626 -21.33 -5.75 -24.70
CA PRO A 626 -22.73 -5.76 -24.26
C PRO A 626 -22.88 -6.12 -22.80
N HIS A 627 -21.87 -6.77 -22.23
CA HIS A 627 -21.92 -7.19 -20.84
C HIS A 627 -21.56 -6.09 -19.85
N LEU A 628 -21.01 -4.98 -20.33
CA LEU A 628 -20.65 -3.88 -19.43
C LEU A 628 -21.91 -3.17 -18.95
N LYS A 629 -22.03 -3.00 -17.64
CA LYS A 629 -23.23 -2.42 -17.04
C LYS A 629 -22.95 -1.35 -16.00
N HIS A 630 -21.74 -1.26 -15.45
CA HIS A 630 -21.44 -0.37 -14.34
C HIS A 630 -20.19 0.43 -14.68
N LEU A 631 -20.31 1.76 -14.66
CA LEU A 631 -19.19 2.66 -14.93
C LEU A 631 -19.03 3.64 -13.79
N ASN A 632 -17.79 3.80 -13.33
CA ASN A 632 -17.45 4.72 -12.25
C ASN A 632 -16.24 5.54 -12.68
N PHE A 633 -16.47 6.79 -13.10
CA PHE A 633 -15.39 7.67 -13.52
C PHE A 633 -15.01 8.66 -12.43
N TYR A 634 -15.07 8.24 -11.17
CA TYR A 634 -14.79 9.13 -10.06
C TYR A 634 -13.35 9.63 -10.10
N GLY A 635 -13.17 10.93 -9.92
CA GLY A 635 -11.87 11.54 -9.91
C GLY A 635 -11.34 11.96 -11.26
N SER A 636 -11.95 11.50 -12.35
CA SER A 636 -11.49 11.83 -13.69
C SER A 636 -12.00 13.21 -14.06
N SER A 637 -11.08 14.16 -14.27
CA SER A 637 -11.46 15.51 -14.64
C SER A 637 -11.99 15.51 -16.07
N LEU A 638 -13.14 16.15 -16.28
CA LEU A 638 -13.78 16.21 -17.59
C LEU A 638 -14.09 17.66 -17.95
N SER A 639 -14.16 17.91 -19.25
CA SER A 639 -14.50 19.23 -19.76
C SER A 639 -15.79 19.16 -20.57
N HIS A 640 -16.17 20.28 -21.20
CA HIS A 640 -17.40 20.30 -22.00
C HIS A 640 -17.30 19.34 -23.18
N MET A 641 -16.17 19.36 -23.90
CA MET A 641 -16.01 18.48 -25.04
C MET A 641 -15.99 17.02 -24.62
N ASP A 642 -15.31 16.71 -23.52
CA ASP A 642 -15.25 15.33 -23.04
C ASP A 642 -16.64 14.83 -22.66
N ALA A 643 -17.41 15.66 -21.94
CA ALA A 643 -18.76 15.27 -21.56
C ALA A 643 -19.64 15.10 -22.79
N ARG A 644 -19.51 15.99 -23.77
CA ARG A 644 -20.30 15.87 -24.99
C ARG A 644 -19.97 14.59 -25.74
N GLN A 645 -18.68 14.25 -25.84
CA GLN A 645 -18.29 13.01 -26.51
C GLN A 645 -18.81 11.79 -25.76
N LEU A 646 -18.72 11.82 -24.43
CA LEU A 646 -19.21 10.68 -23.64
C LEU A 646 -20.72 10.51 -23.82
N CYS A 647 -21.46 11.61 -23.81
CA CYS A 647 -22.91 11.53 -24.00
C CYS A 647 -23.27 11.06 -25.40
N GLU A 648 -22.51 11.51 -26.41
CA GLU A 648 -22.73 11.04 -27.76
C GLU A 648 -22.49 9.54 -27.88
N ALA A 649 -21.44 9.05 -27.22
CA ALA A 649 -21.18 7.61 -27.22
C ALA A 649 -22.29 6.85 -26.50
N LEU A 650 -22.75 7.39 -25.37
CA LEU A 650 -23.83 6.74 -24.63
C LEU A 650 -25.16 6.79 -25.38
N LYS A 651 -25.30 7.73 -26.34
CA LYS A 651 -26.51 7.80 -27.15
C LYS A 651 -26.68 6.58 -28.04
N HIS A 652 -25.61 5.84 -28.30
CA HIS A 652 -25.69 4.67 -29.16
C HIS A 652 -26.62 3.63 -28.54
N PRO A 653 -27.54 3.06 -29.31
CA PRO A 653 -28.52 2.11 -28.74
C PRO A 653 -27.94 0.74 -28.42
N MET A 654 -26.68 0.47 -28.77
CA MET A 654 -26.06 -0.79 -28.40
C MET A 654 -25.62 -0.82 -26.94
N CYS A 655 -25.53 0.33 -26.29
CA CYS A 655 -25.02 0.39 -24.93
C CYS A 655 -26.00 -0.29 -23.97
N ASN A 656 -25.47 -1.16 -23.11
CA ASN A 656 -26.25 -1.84 -22.08
C ASN A 656 -25.90 -1.31 -20.69
N ILE A 657 -25.62 -0.01 -20.59
CA ILE A 657 -25.11 0.56 -19.35
C ILE A 657 -26.27 0.83 -18.41
N GLU A 658 -26.15 0.37 -17.16
CA GLU A 658 -27.18 0.54 -16.15
C GLU A 658 -26.83 1.53 -15.07
N GLU A 659 -25.65 1.43 -14.48
CA GLU A 659 -25.22 2.31 -13.39
C GLU A 659 -24.07 3.18 -13.87
N LEU A 660 -24.20 4.49 -13.67
CA LEU A 660 -23.22 5.45 -14.17
C LEU A 660 -22.94 6.47 -13.07
N MET A 661 -21.67 6.57 -12.66
CA MET A 661 -21.27 7.50 -11.61
C MET A 661 -20.13 8.37 -12.13
N LEU A 662 -20.27 9.68 -11.94
CA LEU A 662 -19.29 10.66 -12.38
C LEU A 662 -18.92 11.59 -11.22
N GLY A 663 -18.66 11.00 -10.06
CA GLY A 663 -18.33 11.82 -8.90
C GLY A 663 -17.02 12.57 -9.10
N LYS A 664 -17.03 13.84 -8.68
CA LYS A 664 -15.84 14.70 -8.73
C LYS A 664 -15.25 14.76 -10.13
N CYS A 665 -16.11 14.85 -11.14
CA CYS A 665 -15.69 14.99 -12.52
C CYS A 665 -15.63 16.44 -12.98
N ASP A 666 -15.85 17.39 -12.06
CA ASP A 666 -15.83 18.81 -12.38
C ASP A 666 -16.80 19.15 -13.51
N ILE A 667 -17.99 18.56 -13.45
CA ILE A 667 -19.02 18.79 -14.45
C ILE A 667 -19.86 19.99 -14.02
N THR A 668 -20.03 20.95 -14.92
CA THR A 668 -20.82 22.14 -14.67
C THR A 668 -22.23 21.96 -15.22
N GLY A 669 -23.03 23.02 -15.13
CA GLY A 669 -24.40 22.94 -15.57
C GLY A 669 -24.54 22.72 -17.07
N GLU A 670 -23.75 23.44 -17.87
CA GLU A 670 -23.87 23.36 -19.32
C GLU A 670 -23.58 21.94 -19.83
N ALA A 671 -22.56 21.29 -19.27
CA ALA A 671 -22.28 19.91 -19.63
C ALA A 671 -23.45 19.00 -19.31
N CYS A 672 -24.19 19.31 -18.24
CA CYS A 672 -25.38 18.54 -17.91
C CYS A 672 -26.40 18.57 -19.05
N GLU A 673 -26.40 19.63 -19.85
CA GLU A 673 -27.28 19.69 -21.01
C GLU A 673 -27.07 18.48 -21.92
N ASP A 674 -25.83 18.01 -22.03
CA ASP A 674 -25.58 16.79 -22.77
C ASP A 674 -26.01 15.56 -21.98
N ILE A 675 -25.71 15.54 -20.67
CA ILE A 675 -26.01 14.37 -19.85
C ILE A 675 -27.52 14.11 -19.83
N ALA A 676 -28.31 15.17 -19.71
CA ALA A 676 -29.76 15.04 -19.76
C ALA A 676 -30.20 14.32 -21.03
N SER A 677 -29.55 14.62 -22.15
CA SER A 677 -29.91 13.97 -23.41
C SER A 677 -29.79 12.46 -23.32
N VAL A 678 -28.81 11.96 -22.55
CA VAL A 678 -28.69 10.52 -22.35
C VAL A 678 -29.96 9.96 -21.74
N LEU A 679 -30.47 10.63 -20.70
CA LEU A 679 -31.71 10.19 -20.07
C LEU A 679 -32.89 10.23 -21.04
N VAL A 680 -32.78 11.00 -22.12
CA VAL A 680 -33.84 11.01 -23.12
C VAL A 680 -33.89 9.68 -23.87
N HIS A 681 -32.72 9.09 -24.16
CA HIS A 681 -32.65 7.91 -25.01
C HIS A 681 -32.29 6.64 -24.26
N ASN A 682 -31.30 6.69 -23.36
CA ASN A 682 -30.83 5.48 -22.69
C ASN A 682 -31.86 5.00 -21.67
N LYS A 683 -32.75 4.09 -22.10
CA LYS A 683 -33.77 3.56 -21.21
C LYS A 683 -33.25 2.45 -20.30
N LYS A 684 -32.08 1.87 -20.61
CA LYS A 684 -31.53 0.81 -19.77
C LYS A 684 -30.92 1.39 -18.49
N LEU A 685 -30.42 2.61 -18.54
CA LEU A 685 -29.78 3.22 -17.38
C LEU A 685 -30.80 3.44 -16.27
N ASN A 686 -30.43 3.10 -15.05
CA ASN A 686 -31.35 3.24 -13.91
C ASN A 686 -30.70 3.84 -12.67
N LEU A 687 -29.40 4.13 -12.68
CA LEU A 687 -28.73 4.74 -11.54
C LEU A 687 -27.74 5.77 -12.05
N LEU A 688 -27.92 7.02 -11.63
CA LEU A 688 -27.04 8.11 -12.03
C LEU A 688 -26.55 8.84 -10.80
N SER A 689 -25.23 8.96 -10.68
CA SER A 689 -24.62 9.70 -9.57
C SER A 689 -23.73 10.80 -10.13
N LEU A 690 -23.95 12.02 -9.66
CA LEU A 690 -23.15 13.18 -10.07
C LEU A 690 -22.66 13.93 -8.84
N CYS A 691 -22.17 13.20 -7.85
CA CYS A 691 -21.76 13.80 -6.59
C CYS A 691 -20.50 14.65 -6.77
N GLU A 692 -20.33 15.60 -5.86
CA GLU A 692 -19.15 16.47 -5.82
C GLU A 692 -18.98 17.24 -7.12
N ASN A 693 -20.04 17.96 -7.51
CA ASN A 693 -20.02 18.78 -8.71
C ASN A 693 -20.38 20.22 -8.34
N ALA A 694 -20.50 21.07 -9.35
CA ALA A 694 -20.76 22.50 -9.18
C ALA A 694 -21.87 22.96 -10.11
N LEU A 695 -22.99 22.23 -10.09
CA LEU A 695 -24.09 22.55 -10.99
C LEU A 695 -24.66 23.93 -10.72
N LYS A 696 -24.79 24.31 -9.44
CA LYS A 696 -25.32 25.61 -9.04
C LYS A 696 -26.73 25.82 -9.61
N ASP A 697 -27.58 24.82 -9.44
CA ASP A 697 -29.00 24.83 -9.79
C ASP A 697 -29.21 24.76 -11.30
N ASP A 698 -28.14 24.92 -12.08
CA ASP A 698 -28.27 24.86 -13.54
C ASP A 698 -28.35 23.43 -14.03
N GLY A 699 -27.41 22.59 -13.61
CA GLY A 699 -27.50 21.17 -13.90
C GLY A 699 -28.75 20.55 -13.32
N VAL A 700 -29.14 20.99 -12.13
CA VAL A 700 -30.37 20.49 -11.52
C VAL A 700 -31.58 20.86 -12.35
N LEU A 701 -31.63 22.12 -12.83
CA LEU A 701 -32.74 22.55 -13.66
C LEU A 701 -32.79 21.76 -14.97
N VAL A 702 -31.63 21.54 -15.59
CA VAL A 702 -31.60 20.80 -16.84
C VAL A 702 -32.05 19.36 -16.62
N LEU A 703 -31.58 18.72 -15.55
CA LEU A 703 -31.98 17.35 -15.24
C LEU A 703 -33.47 17.26 -14.96
N CYS A 704 -34.02 18.23 -14.22
CA CYS A 704 -35.46 18.23 -13.97
C CYS A 704 -36.24 18.38 -15.27
N GLU A 705 -35.79 19.29 -16.14
CA GLU A 705 -36.48 19.47 -17.42
C GLU A 705 -36.44 18.21 -18.27
N ALA A 706 -35.30 17.51 -18.25
CA ALA A 706 -35.23 16.23 -18.96
C ALA A 706 -36.16 15.20 -18.34
N LEU A 707 -36.23 15.15 -17.01
CA LEU A 707 -37.08 14.19 -16.32
C LEU A 707 -38.55 14.53 -16.40
N LYS A 708 -38.91 15.73 -16.88
CA LYS A 708 -40.31 16.06 -17.08
C LYS A 708 -40.99 15.08 -18.03
N ASN A 709 -40.25 14.54 -18.98
CA ASN A 709 -40.82 13.59 -19.93
C ASN A 709 -41.14 12.28 -19.20
N PRO A 710 -42.39 11.79 -19.27
CA PRO A 710 -42.76 10.52 -18.64
C PRO A 710 -42.26 9.29 -19.41
N ASP A 711 -40.98 9.29 -19.75
CA ASP A 711 -40.36 8.20 -20.50
C ASP A 711 -39.05 7.70 -19.90
N CYS A 712 -38.39 8.49 -19.07
CA CYS A 712 -37.12 8.06 -18.47
C CYS A 712 -37.35 6.92 -17.50
N ALA A 713 -36.45 5.94 -17.54
CA ALA A 713 -36.49 4.79 -16.65
C ALA A 713 -35.52 4.93 -15.48
N LEU A 714 -34.96 6.12 -15.27
CA LEU A 714 -34.03 6.33 -14.16
C LEU A 714 -34.72 6.06 -12.83
N GLU A 715 -34.06 5.30 -11.96
CA GLU A 715 -34.63 4.92 -10.68
C GLU A 715 -33.87 5.46 -9.48
N ALA A 716 -32.58 5.75 -9.61
CA ALA A 716 -31.77 6.25 -8.50
C ALA A 716 -30.99 7.46 -8.97
N LEU A 717 -31.08 8.56 -8.23
CA LEU A 717 -30.36 9.79 -8.55
C LEU A 717 -29.63 10.27 -7.32
N LEU A 718 -28.32 10.51 -7.47
CA LEU A 718 -27.49 11.04 -6.40
C LEU A 718 -26.86 12.35 -6.85
N LEU A 719 -27.02 13.39 -6.04
CA LEU A 719 -26.50 14.72 -6.35
C LEU A 719 -25.85 15.33 -5.11
N SER A 720 -25.15 14.51 -4.34
CA SER A 720 -24.57 14.97 -3.09
C SER A 720 -23.47 16.00 -3.34
N HIS A 721 -23.46 17.05 -2.53
CA HIS A 721 -22.44 18.10 -2.57
C HIS A 721 -22.32 18.71 -3.97
N CYS A 722 -23.46 18.99 -4.59
CA CYS A 722 -23.50 19.60 -5.91
C CYS A 722 -23.46 21.12 -5.86
N CYS A 723 -23.34 21.70 -4.66
CA CYS A 723 -23.27 23.16 -4.49
C CYS A 723 -24.47 23.85 -5.12
N PHE A 724 -25.65 23.26 -4.95
CA PHE A 724 -26.90 23.81 -5.45
C PHE A 724 -27.80 24.19 -4.28
N SER A 725 -28.63 25.20 -4.50
CA SER A 725 -29.48 25.78 -3.46
C SER A 725 -30.94 25.39 -3.70
N SER A 726 -31.83 25.94 -2.87
CA SER A 726 -33.24 25.59 -2.92
C SER A 726 -33.95 26.15 -4.14
N ALA A 727 -33.30 27.03 -4.91
CA ALA A 727 -33.95 27.64 -6.07
C ALA A 727 -34.40 26.58 -7.06
N ALA A 728 -33.56 25.57 -7.30
CA ALA A 728 -33.92 24.47 -8.18
C ALA A 728 -34.77 23.41 -7.49
N CYS A 729 -34.90 23.46 -6.16
CA CYS A 729 -35.65 22.44 -5.44
C CYS A 729 -37.10 22.39 -5.91
N ASP A 730 -37.70 23.55 -6.15
CA ASP A 730 -39.05 23.58 -6.68
C ASP A 730 -39.15 22.78 -7.98
N HIS A 731 -38.15 22.93 -8.86
CA HIS A 731 -38.13 22.12 -10.07
C HIS A 731 -38.07 20.64 -9.72
N LEU A 732 -37.24 20.26 -8.75
CA LEU A 732 -37.21 18.88 -8.28
C LEU A 732 -38.60 18.45 -7.81
N SER A 733 -39.34 19.36 -7.19
CA SER A 733 -40.72 19.08 -6.80
C SER A 733 -41.53 18.62 -8.00
N GLN A 734 -41.44 19.36 -9.12
CA GLN A 734 -42.18 18.99 -10.31
C GLN A 734 -41.75 17.64 -10.87
N VAL A 735 -40.55 17.18 -10.52
CA VAL A 735 -40.13 15.83 -10.91
C VAL A 735 -40.93 14.80 -10.12
N LEU A 736 -41.08 15.02 -8.81
CA LEU A 736 -41.68 14.01 -7.95
C LEU A 736 -43.14 13.75 -8.28
N LEU A 737 -43.82 14.71 -8.92
CA LEU A 737 -45.20 14.52 -9.33
C LEU A 737 -45.32 13.98 -10.75
N TYR A 738 -44.21 13.80 -11.46
CA TYR A 738 -44.26 13.36 -12.85
C TYR A 738 -43.45 12.10 -13.12
N ASN A 739 -42.62 11.65 -12.18
CA ASN A 739 -41.79 10.47 -12.38
C ASN A 739 -42.41 9.28 -11.64
N ARG A 740 -42.81 8.27 -12.37
CA ARG A 740 -43.33 7.03 -11.78
C ARG A 740 -42.24 5.97 -11.64
N SER A 741 -41.02 6.24 -12.09
CA SER A 741 -39.93 5.28 -12.02
C SER A 741 -38.83 5.66 -11.05
N LEU A 742 -38.59 6.94 -10.83
CA LEU A 742 -37.55 7.38 -9.91
C LEU A 742 -37.97 7.07 -8.48
N THR A 743 -37.12 6.35 -7.75
CA THR A 743 -37.45 5.90 -6.40
C THR A 743 -36.46 6.35 -5.34
N PHE A 744 -35.17 6.44 -5.65
CA PHE A 744 -34.14 6.78 -4.68
C PHE A 744 -33.58 8.15 -5.03
N LEU A 745 -33.62 9.08 -4.08
CA LEU A 745 -33.11 10.42 -4.27
C LEU A 745 -32.15 10.76 -3.14
N ASP A 746 -30.93 11.15 -3.49
CA ASP A 746 -29.93 11.59 -2.53
C ASP A 746 -29.56 13.04 -2.87
N LEU A 747 -29.87 13.96 -1.97
CA LEU A 747 -29.56 15.37 -2.14
C LEU A 747 -28.76 15.90 -0.95
N GLY A 748 -27.97 15.03 -0.33
CA GLY A 748 -27.26 15.40 0.88
C GLY A 748 -26.11 16.35 0.63
N SER A 749 -25.59 16.91 1.72
CA SER A 749 -24.44 17.81 1.71
C SER A 749 -24.69 19.02 0.80
N ASN A 750 -25.91 19.53 0.81
CA ASN A 750 -26.28 20.69 0.02
C ASN A 750 -27.02 21.69 0.90
N VAL A 751 -26.82 22.97 0.61
CA VAL A 751 -27.44 24.04 1.38
C VAL A 751 -28.88 24.19 0.89
N LEU A 752 -29.81 23.54 1.60
CA LEU A 752 -31.21 23.61 1.25
C LEU A 752 -32.03 24.49 2.20
N LYS A 753 -31.55 24.71 3.41
CA LYS A 753 -32.23 25.54 4.42
C LYS A 753 -33.61 24.93 4.69
N ASP A 754 -34.60 25.78 4.96
CA ASP A 754 -35.94 25.30 5.31
C ASP A 754 -36.92 25.39 4.16
N GLU A 755 -36.78 26.38 3.27
CA GLU A 755 -37.69 26.50 2.14
C GLU A 755 -37.58 25.29 1.22
N GLY A 756 -36.36 24.80 0.99
CA GLY A 756 -36.19 23.65 0.11
C GLY A 756 -36.83 22.40 0.66
N VAL A 757 -36.60 22.12 1.95
CA VAL A 757 -37.16 20.91 2.54
C VAL A 757 -38.68 21.02 2.65
N THR A 758 -39.19 22.22 2.93
CA THR A 758 -40.65 22.39 2.95
C THR A 758 -41.25 22.16 1.57
N THR A 759 -40.59 22.66 0.51
CA THR A 759 -41.07 22.41 -0.84
C THR A 759 -41.03 20.93 -1.18
N LEU A 760 -39.96 20.24 -0.77
CA LEU A 760 -39.88 18.80 -1.01
C LEU A 760 -40.99 18.06 -0.27
N CYS A 761 -41.27 18.46 0.97
CA CYS A 761 -42.36 17.82 1.71
C CYS A 761 -43.70 18.09 1.06
N GLU A 762 -43.92 19.31 0.56
CA GLU A 762 -45.16 19.62 -0.14
C GLU A 762 -45.30 18.77 -1.40
N SER A 763 -44.20 18.56 -2.11
CA SER A 763 -44.23 17.69 -3.29
C SER A 763 -44.54 16.25 -2.89
N LEU A 764 -43.98 15.78 -1.79
CA LEU A 764 -44.16 14.40 -1.36
C LEU A 764 -45.48 14.16 -0.64
N LYS A 765 -46.24 15.21 -0.33
CA LYS A 765 -47.56 15.01 0.28
C LYS A 765 -48.43 14.09 -0.55
N HIS A 766 -48.44 14.27 -1.87
CA HIS A 766 -49.31 13.49 -2.73
C HIS A 766 -48.89 12.02 -2.73
N PRO A 767 -49.81 11.09 -2.52
CA PRO A 767 -49.44 9.67 -2.60
C PRO A 767 -48.96 9.22 -3.97
N SER A 768 -49.26 9.99 -5.02
CA SER A 768 -48.88 9.58 -6.38
C SER A 768 -47.38 9.54 -6.58
N CYS A 769 -46.59 10.13 -5.69
CA CYS A 769 -45.15 10.09 -5.82
C CYS A 769 -44.63 8.67 -5.65
N ASN A 770 -43.64 8.31 -6.46
CA ASN A 770 -43.04 6.99 -6.44
C ASN A 770 -41.72 6.95 -5.69
N LEU A 771 -41.36 8.03 -4.98
CA LEU A 771 -40.12 8.05 -4.23
C LEU A 771 -40.15 7.02 -3.11
N GLN A 772 -39.04 6.32 -2.94
CA GLN A 772 -38.93 5.28 -1.91
C GLN A 772 -37.88 5.58 -0.86
N GLU A 773 -36.75 6.19 -1.24
CA GLU A 773 -35.67 6.46 -0.31
C GLU A 773 -35.20 7.90 -0.47
N LEU A 774 -35.01 8.58 0.66
CA LEU A 774 -34.60 9.98 0.67
C LEU A 774 -33.37 10.14 1.54
N TRP A 775 -32.33 10.76 0.98
CA TRP A 775 -31.08 11.01 1.67
C TRP A 775 -30.85 12.52 1.72
N LEU A 776 -31.22 13.16 2.82
CA LEU A 776 -31.13 14.60 2.96
C LEU A 776 -30.26 15.00 4.14
N MET A 777 -29.14 14.31 4.35
CA MET A 777 -28.26 14.65 5.46
C MET A 777 -27.48 15.92 5.14
N ASN A 778 -27.16 16.67 6.20
CA ASN A 778 -26.38 17.90 6.10
C ASN A 778 -27.04 18.90 5.13
N CYS A 779 -28.36 19.03 5.22
CA CYS A 779 -29.10 19.98 4.40
C CYS A 779 -29.29 21.32 5.09
N TYR A 780 -28.74 21.50 6.30
CA TYR A 780 -28.73 22.78 7.00
C TYR A 780 -30.15 23.31 7.25
N PHE A 781 -31.03 22.45 7.74
CA PHE A 781 -32.36 22.87 8.16
C PHE A 781 -32.49 22.73 9.68
N THR A 782 -33.49 23.42 10.22
CA THR A 782 -33.72 23.47 11.66
C THR A 782 -34.98 22.70 12.01
N SER A 783 -35.35 22.75 13.29
CA SER A 783 -36.48 21.96 13.77
C SER A 783 -37.83 22.54 13.38
N VAL A 784 -37.90 23.83 13.04
CA VAL A 784 -39.18 24.47 12.78
C VAL A 784 -39.84 23.86 11.54
N CYS A 785 -39.03 23.46 10.55
CA CYS A 785 -39.56 22.81 9.37
C CYS A 785 -39.83 21.33 9.58
N CYS A 786 -39.38 20.76 10.70
CA CYS A 786 -39.57 19.33 10.94
C CYS A 786 -41.03 18.94 10.95
N VAL A 787 -41.93 19.85 11.35
CA VAL A 787 -43.36 19.54 11.34
C VAL A 787 -43.81 19.16 9.94
N ASP A 788 -43.28 19.83 8.92
CA ASP A 788 -43.59 19.45 7.54
C ASP A 788 -43.17 18.00 7.28
N ILE A 789 -41.96 17.64 7.72
CA ILE A 789 -41.54 16.25 7.66
C ILE A 789 -42.49 15.38 8.47
N ALA A 790 -42.89 15.85 9.65
CA ALA A 790 -43.84 15.10 10.46
C ALA A 790 -45.14 14.85 9.70
N THR A 791 -45.47 15.72 8.74
CA THR A 791 -46.64 15.47 7.91
C THR A 791 -46.40 14.38 6.88
N VAL A 792 -45.24 14.39 6.22
CA VAL A 792 -45.04 13.46 5.10
C VAL A 792 -44.96 12.03 5.60
N LEU A 793 -44.35 11.81 6.76
CA LEU A 793 -44.32 10.48 7.35
C LEU A 793 -45.71 9.94 7.62
N ILE A 794 -46.71 10.82 7.76
CA ILE A 794 -48.08 10.36 7.92
C ILE A 794 -48.73 10.13 6.56
N HIS A 795 -48.35 10.92 5.55
CA HIS A 795 -49.06 10.89 4.28
C HIS A 795 -48.41 9.97 3.25
N SER A 796 -47.09 9.84 3.27
CA SER A 796 -46.39 9.04 2.27
C SER A 796 -46.49 7.56 2.64
N GLU A 797 -47.04 6.75 1.73
CA GLU A 797 -47.15 5.32 1.93
C GLU A 797 -46.04 4.55 1.20
N LYS A 798 -45.14 5.24 0.51
CA LYS A 798 -44.10 4.58 -0.26
C LYS A 798 -42.69 4.94 0.21
N LEU A 799 -42.53 5.93 1.08
CA LEU A 799 -41.22 6.31 1.59
C LEU A 799 -40.77 5.30 2.64
N LYS A 800 -39.69 4.56 2.35
CA LYS A 800 -39.22 3.51 3.22
C LYS A 800 -38.00 3.91 4.05
N THR A 801 -37.06 4.65 3.46
CA THR A 801 -35.82 5.02 4.12
C THR A 801 -35.67 6.53 4.11
N LEU A 802 -35.35 7.11 5.26
CA LEU A 802 -35.16 8.54 5.42
C LEU A 802 -33.89 8.78 6.22
N LYS A 803 -32.92 9.46 5.62
CA LYS A 803 -31.66 9.77 6.29
C LYS A 803 -31.53 11.28 6.42
N LEU A 804 -31.87 11.80 7.60
CA LEU A 804 -31.82 13.24 7.87
C LEU A 804 -30.72 13.58 8.87
N GLY A 805 -29.64 12.81 8.89
CA GLY A 805 -28.60 12.99 9.87
C GLY A 805 -27.75 14.21 9.60
N ASN A 806 -26.83 14.48 10.55
CA ASN A 806 -25.90 15.59 10.45
C ASN A 806 -26.62 16.93 10.26
N ASN A 807 -27.75 17.09 10.95
CA ASN A 807 -28.54 18.31 10.87
C ASN A 807 -28.89 18.77 12.27
N LYS A 808 -28.94 20.09 12.46
CA LYS A 808 -29.19 20.67 13.78
C LYS A 808 -30.69 20.71 14.03
N ILE A 809 -31.24 19.55 14.38
CA ILE A 809 -32.63 19.43 14.81
C ILE A 809 -32.62 19.10 16.30
N TYR A 810 -33.29 19.94 17.07
CA TYR A 810 -33.17 19.91 18.53
C TYR A 810 -34.26 19.01 19.13
N ASP A 811 -34.43 19.13 20.45
CA ASP A 811 -35.42 18.32 21.15
C ASP A 811 -36.83 18.54 20.58
N ALA A 812 -37.14 19.77 20.19
CA ALA A 812 -38.47 20.03 19.63
C ALA A 812 -38.69 19.21 18.36
N GLY A 813 -37.78 19.33 17.39
CA GLY A 813 -37.93 18.60 16.15
C GLY A 813 -37.92 17.11 16.35
N ALA A 814 -37.08 16.63 17.28
CA ALA A 814 -37.14 15.22 17.65
C ALA A 814 -38.52 14.85 18.18
N LYS A 815 -39.16 15.75 18.91
CA LYS A 815 -40.49 15.46 19.43
C LYS A 815 -41.52 15.35 18.31
N GLN A 816 -41.50 16.28 17.35
CA GLN A 816 -42.47 16.11 16.24
C GLN A 816 -42.18 14.86 15.44
N LEU A 817 -40.90 14.53 15.22
CA LEU A 817 -40.59 13.30 14.49
C LEU A 817 -41.09 12.08 15.25
N CYS A 818 -40.88 12.05 16.57
CA CYS A 818 -41.33 10.92 17.37
C CYS A 818 -42.86 10.82 17.36
N LYS A 819 -43.55 11.95 17.40
CA LYS A 819 -45.01 11.94 17.31
C LYS A 819 -45.45 11.41 15.95
N ALA A 820 -44.76 11.80 14.88
CA ALA A 820 -45.08 11.30 13.55
C ALA A 820 -44.92 9.79 13.48
N LEU A 821 -43.85 9.26 14.08
CA LEU A 821 -43.71 7.81 14.15
C LEU A 821 -44.81 7.19 15.01
N LYS A 822 -45.21 7.87 16.08
CA LYS A 822 -46.29 7.37 16.93
C LYS A 822 -47.61 7.31 16.19
N HIS A 823 -47.79 8.15 15.18
CA HIS A 823 -48.99 8.11 14.36
C HIS A 823 -49.06 6.77 13.65
N PRO A 824 -50.08 5.94 13.88
CA PRO A 824 -50.01 4.54 13.44
C PRO A 824 -50.40 4.31 11.99
N LYS A 825 -49.95 5.18 11.08
CA LYS A 825 -50.08 4.97 9.65
C LYS A 825 -48.78 5.28 8.92
N CYS A 826 -47.65 5.30 9.64
CA CYS A 826 -46.36 5.63 9.06
C CYS A 826 -45.67 4.34 8.62
N LYS A 827 -45.48 4.19 7.31
CA LYS A 827 -44.81 3.02 6.75
C LYS A 827 -43.32 3.33 6.52
N LEU A 828 -42.65 3.68 7.61
CA LEU A 828 -41.23 4.00 7.57
C LEU A 828 -40.42 2.85 8.14
N GLU A 829 -39.32 2.51 7.48
CA GLU A 829 -38.48 1.38 7.86
C GLU A 829 -37.13 1.80 8.42
N ASN A 830 -36.37 2.60 7.67
CA ASN A 830 -35.04 3.02 8.09
C ASN A 830 -35.05 4.52 8.36
N LEU A 831 -34.50 4.91 9.52
CA LEU A 831 -34.45 6.30 9.92
C LEU A 831 -33.06 6.62 10.45
N GLY A 832 -32.39 7.59 9.84
CA GLY A 832 -31.07 7.97 10.29
C GLY A 832 -30.99 9.40 10.76
N LEU A 833 -30.80 9.60 12.06
CA LEU A 833 -30.71 10.92 12.67
C LEU A 833 -29.38 11.09 13.40
N GLU A 834 -28.30 10.59 12.80
CA GLU A 834 -27.00 10.63 13.44
C GLU A 834 -26.48 12.06 13.53
N ALA A 835 -25.80 12.35 14.65
CA ALA A 835 -25.16 13.65 14.88
C ALA A 835 -26.15 14.80 14.72
N CYS A 836 -27.33 14.64 15.32
CA CYS A 836 -28.37 15.64 15.26
C CYS A 836 -28.40 16.53 16.49
N GLU A 837 -27.37 16.45 17.34
CA GLU A 837 -27.28 17.26 18.55
C GLU A 837 -28.51 17.08 19.44
N LEU A 838 -28.93 15.83 19.62
CA LEU A 838 -30.09 15.53 20.44
C LEU A 838 -29.73 15.69 21.92
N SER A 839 -30.76 15.63 22.76
CA SER A 839 -30.65 15.81 24.20
C SER A 839 -31.28 14.63 24.91
N PRO A 840 -30.86 14.34 26.14
CA PRO A 840 -31.48 13.23 26.89
C PRO A 840 -32.97 13.40 27.09
N ALA A 841 -33.47 14.64 27.14
CA ALA A 841 -34.91 14.86 27.29
C ALA A 841 -35.69 14.29 26.12
N SER A 842 -35.06 14.20 24.95
CA SER A 842 -35.72 13.58 23.80
C SER A 842 -35.90 12.08 23.97
N CYS A 843 -35.14 11.46 24.88
CA CYS A 843 -35.15 10.01 25.02
C CYS A 843 -36.56 9.48 25.27
N GLU A 844 -37.30 10.14 26.18
CA GLU A 844 -38.68 9.76 26.44
C GLU A 844 -39.49 9.77 25.15
N ASP A 845 -39.37 10.84 24.37
CA ASP A 845 -40.07 10.89 23.08
C ASP A 845 -39.60 9.77 22.17
N LEU A 846 -38.31 9.45 22.20
CA LEU A 846 -37.83 8.30 21.45
C LEU A 846 -38.38 7.01 22.04
N ALA A 847 -38.47 6.93 23.37
CA ALA A 847 -38.88 5.68 24.01
C ALA A 847 -40.28 5.27 23.57
N SER A 848 -41.20 6.23 23.46
CA SER A 848 -42.53 5.92 22.97
C SER A 848 -42.52 5.56 21.49
N ALA A 849 -41.62 6.17 20.71
CA ALA A 849 -41.61 5.95 19.27
C ALA A 849 -41.23 4.51 18.92
N LEU A 850 -40.11 4.03 19.47
CA LEU A 850 -39.62 2.71 19.12
C LEU A 850 -40.61 1.62 19.52
N THR A 851 -41.42 1.86 20.53
CA THR A 851 -42.42 0.90 20.99
C THR A 851 -43.78 1.10 20.33
N THR A 852 -43.91 2.05 19.40
CA THR A 852 -45.18 2.31 18.74
C THR A 852 -45.13 2.05 17.24
N CYS A 853 -44.12 2.57 16.55
CA CYS A 853 -44.00 2.38 15.10
C CYS A 853 -43.61 0.95 14.82
N LYS A 854 -44.58 0.14 14.39
CA LYS A 854 -44.32 -1.27 14.13
C LYS A 854 -43.43 -1.48 12.92
N SER A 855 -43.57 -0.63 11.89
CA SER A 855 -42.79 -0.78 10.67
C SER A 855 -41.35 -0.30 10.80
N LEU A 856 -41.00 0.35 11.90
CA LEU A 856 -39.65 0.85 12.08
C LEU A 856 -38.70 -0.32 12.34
N THR A 857 -37.65 -0.43 11.52
CA THR A 857 -36.70 -1.52 11.61
C THR A 857 -35.30 -1.08 12.02
N CYS A 858 -34.75 -0.06 11.37
CA CYS A 858 -33.40 0.39 11.64
C CYS A 858 -33.41 1.87 12.01
N VAL A 859 -32.72 2.21 13.09
CA VAL A 859 -32.60 3.60 13.54
C VAL A 859 -31.13 3.87 13.86
N ASN A 860 -30.60 4.94 13.30
CA ASN A 860 -29.20 5.33 13.53
C ASN A 860 -29.19 6.65 14.27
N LEU A 861 -28.99 6.59 15.60
CA LEU A 861 -29.05 7.76 16.45
C LEU A 861 -27.71 8.04 17.12
N GLU A 862 -26.63 7.83 16.36
CA GLU A 862 -25.27 8.00 16.87
C GLU A 862 -25.03 9.45 17.30
N TRP A 863 -23.98 9.62 18.12
CA TRP A 863 -23.53 10.92 18.61
C TRP A 863 -24.58 11.63 19.44
N ILE A 864 -25.40 10.89 20.18
CA ILE A 864 -26.38 11.48 21.07
C ILE A 864 -25.82 11.51 22.48
N THR A 865 -26.08 12.60 23.21
CA THR A 865 -25.69 12.72 24.60
C THR A 865 -26.77 12.12 25.48
N LEU A 866 -26.38 11.19 26.35
CA LEU A 866 -27.32 10.47 27.20
C LEU A 866 -26.91 10.59 28.66
N ASP A 867 -27.89 10.77 29.52
CA ASP A 867 -27.72 10.73 30.97
C ASP A 867 -28.31 9.43 31.50
N TYR A 868 -28.21 9.25 32.82
CA TYR A 868 -28.70 8.01 33.43
C TYR A 868 -30.20 7.86 33.25
N ASP A 869 -30.96 8.93 33.46
CA ASP A 869 -32.41 8.86 33.35
C ASP A 869 -32.85 8.54 31.92
N GLY A 870 -32.27 9.21 30.93
CA GLY A 870 -32.61 8.95 29.54
C GLY A 870 -32.17 7.57 29.08
N ALA A 871 -30.96 7.17 29.47
CA ALA A 871 -30.46 5.86 29.10
C ALA A 871 -31.32 4.75 29.69
N ALA A 872 -31.78 4.92 30.93
CA ALA A 872 -32.60 3.91 31.58
C ALA A 872 -33.92 3.71 30.81
N VAL A 873 -34.60 4.81 30.48
CA VAL A 873 -35.88 4.68 29.79
C VAL A 873 -35.69 4.16 28.37
N LEU A 874 -34.60 4.57 27.71
CA LEU A 874 -34.34 4.05 26.38
C LEU A 874 -34.07 2.55 26.42
N CYS A 875 -33.31 2.08 27.41
CA CYS A 875 -33.03 0.66 27.53
C CYS A 875 -34.29 -0.12 27.87
N GLU A 876 -35.16 0.44 28.73
CA GLU A 876 -36.43 -0.22 29.02
C GLU A 876 -37.30 -0.32 27.77
N ALA A 877 -37.34 0.74 26.97
CA ALA A 877 -38.11 0.70 25.73
C ALA A 877 -37.56 -0.34 24.77
N LEU A 878 -36.23 -0.44 24.68
CA LEU A 878 -35.61 -1.45 23.83
C LEU A 878 -35.92 -2.85 24.33
N VAL A 879 -35.91 -3.05 25.65
CA VAL A 879 -36.20 -4.36 26.23
C VAL A 879 -37.65 -4.74 25.98
N SER A 880 -38.56 -3.76 26.00
CA SER A 880 -39.98 -4.04 25.83
C SER A 880 -40.23 -4.78 24.52
N LEU A 881 -41.08 -5.82 24.60
CA LEU A 881 -41.32 -6.69 23.46
C LEU A 881 -42.03 -5.98 22.32
N GLU A 882 -42.71 -4.86 22.60
CA GLU A 882 -43.40 -4.13 21.54
C GLU A 882 -42.43 -3.50 20.55
N CYS A 883 -41.17 -3.35 20.92
CA CYS A 883 -40.18 -2.77 20.02
C CYS A 883 -39.86 -3.73 18.89
N SER A 884 -39.88 -3.24 17.66
CA SER A 884 -39.58 -4.03 16.47
C SER A 884 -38.26 -3.61 15.82
N LEU A 885 -37.43 -2.88 16.54
CA LEU A 885 -36.16 -2.44 15.99
C LEU A 885 -35.21 -3.63 15.80
N GLN A 886 -34.51 -3.64 14.68
CA GLN A 886 -33.52 -4.68 14.39
C GLN A 886 -32.10 -4.15 14.33
N LEU A 887 -31.90 -2.89 14.01
CA LEU A 887 -30.58 -2.30 13.89
C LEU A 887 -30.56 -0.95 14.58
N LEU A 888 -29.59 -0.77 15.49
CA LEU A 888 -29.45 0.48 16.23
C LEU A 888 -28.04 1.00 16.03
N GLY A 889 -27.93 2.23 15.52
CA GLY A 889 -26.65 2.86 15.32
C GLY A 889 -26.27 3.79 16.46
N LEU A 890 -25.38 3.33 17.32
CA LEU A 890 -24.93 4.09 18.48
C LEU A 890 -23.52 3.64 18.85
N ASN A 891 -22.71 4.57 19.33
CA ASN A 891 -21.33 4.30 19.72
C ASN A 891 -21.32 3.98 21.22
N LYS A 892 -21.16 2.69 21.54
CA LYS A 892 -21.16 2.28 22.94
C LYS A 892 -19.91 2.75 23.67
N SER A 893 -18.79 2.84 22.98
CA SER A 893 -17.53 3.19 23.64
C SER A 893 -17.55 4.61 24.20
N SER A 894 -18.34 5.50 23.59
CA SER A 894 -18.39 6.89 24.02
C SER A 894 -19.44 7.12 25.11
N TYR A 895 -19.36 6.34 26.18
CA TYR A 895 -20.29 6.46 27.30
C TYR A 895 -19.59 6.04 28.58
N ASP A 896 -20.17 6.47 29.70
CA ASP A 896 -19.61 6.15 31.01
C ASP A 896 -19.92 4.69 31.36
N GLU A 897 -19.46 4.29 32.55
CA GLU A 897 -19.54 2.88 32.95
C GLU A 897 -20.99 2.42 33.09
N GLU A 898 -21.84 3.25 33.70
CA GLU A 898 -23.23 2.84 33.93
C GLU A 898 -23.99 2.66 32.62
N ILE A 899 -23.89 3.63 31.71
CA ILE A 899 -24.60 3.55 30.44
C ILE A 899 -24.05 2.42 29.59
N LYS A 900 -22.72 2.24 29.59
CA LYS A 900 -22.13 1.14 28.83
C LYS A 900 -22.58 -0.22 29.38
N MET A 901 -22.63 -0.36 30.70
CA MET A 901 -23.09 -1.60 31.30
C MET A 901 -24.55 -1.86 30.96
N MET A 902 -25.38 -0.83 31.02
CA MET A 902 -26.79 -1.00 30.67
C MET A 902 -26.96 -1.36 29.20
N LEU A 903 -26.16 -0.76 28.32
CA LEU A 903 -26.22 -1.10 26.90
C LEU A 903 -25.79 -2.54 26.66
N THR A 904 -24.74 -2.99 27.35
CA THR A 904 -24.33 -4.38 27.23
C THR A 904 -25.43 -5.32 27.73
N GLN A 905 -26.09 -4.95 28.83
CA GLN A 905 -27.17 -5.77 29.34
C GLN A 905 -28.33 -5.87 28.34
N VAL A 906 -28.75 -4.73 27.80
CA VAL A 906 -29.88 -4.75 26.87
C VAL A 906 -29.50 -5.48 25.58
N GLU A 907 -28.24 -5.39 25.17
CA GLU A 907 -27.78 -6.20 24.04
C GLU A 907 -27.87 -7.69 24.37
N GLU A 908 -27.50 -8.06 25.59
CA GLU A 908 -27.55 -9.47 25.97
C GLU A 908 -28.99 -9.99 26.00
N MET A 909 -29.91 -9.20 26.53
CA MET A 909 -31.31 -9.63 26.62
C MET A 909 -32.06 -9.52 25.30
N ASN A 910 -31.47 -8.89 24.27
CA ASN A 910 -32.11 -8.73 22.98
C ASN A 910 -31.18 -9.24 21.89
N PRO A 911 -31.15 -10.56 21.66
CA PRO A 911 -30.30 -11.09 20.59
C PRO A 911 -30.75 -10.71 19.20
N ASN A 912 -31.99 -10.27 19.03
CA ASN A 912 -32.52 -9.90 17.72
C ASN A 912 -32.22 -8.47 17.33
N LEU A 913 -31.59 -7.70 18.20
CA LEU A 913 -31.24 -6.31 17.94
C LEU A 913 -29.72 -6.18 17.94
N ILE A 914 -29.18 -5.51 16.92
CA ILE A 914 -27.74 -5.37 16.75
C ILE A 914 -27.37 -3.89 16.86
N ILE A 915 -26.44 -3.58 17.76
CA ILE A 915 -25.94 -2.23 17.94
C ILE A 915 -24.62 -2.10 17.20
N SER A 916 -24.47 -1.04 16.41
CA SER A 916 -23.28 -0.84 15.61
C SER A 916 -22.96 0.64 15.50
N HIS A 917 -21.72 0.93 15.12
CA HIS A 917 -21.26 2.28 14.85
C HIS A 917 -20.77 2.38 13.41
N HIS A 918 -20.83 3.59 12.85
CA HIS A 918 -20.54 3.82 11.44
C HIS A 918 -21.38 2.90 10.57
N LEU A 919 -22.68 2.88 10.85
CA LEU A 919 -23.58 1.90 10.25
C LEU A 919 -23.69 2.08 8.74
N TRP A 920 -23.80 3.32 8.27
CA TRP A 920 -24.09 3.59 6.87
C TRP A 920 -22.99 4.34 6.14
N THR A 921 -21.86 4.63 6.77
CA THR A 921 -20.81 5.39 6.11
C THR A 921 -20.26 4.63 4.90
N ASP A 922 -19.86 3.38 5.10
CA ASP A 922 -19.32 2.59 4.00
C ASP A 922 -20.36 2.32 2.93
N ASP A 923 -21.61 2.04 3.34
CA ASP A 923 -22.67 1.82 2.37
C ASP A 923 -22.96 3.06 1.55
N GLU A 924 -23.00 4.23 2.21
CA GLU A 924 -23.21 5.48 1.49
C GLU A 924 -22.08 5.75 0.51
N GLY A 925 -20.84 5.52 0.94
CA GLY A 925 -19.70 5.71 0.06
C GLY A 925 -19.74 4.79 -1.15
N ARG A 926 -20.11 3.53 -0.93
CA ARG A 926 -20.22 2.59 -2.04
C ARG A 926 -21.33 2.98 -3.00
N ARG A 927 -22.48 3.42 -2.47
CA ARG A 927 -23.59 3.81 -3.33
C ARG A 927 -23.26 5.05 -4.14
N ARG A 928 -22.60 6.04 -3.51
CA ARG A 928 -22.20 7.25 -4.21
C ARG A 928 -21.00 7.02 -5.12
N GLY A 929 -20.27 5.93 -4.94
CA GLY A 929 -19.06 5.69 -5.71
C GLY A 929 -17.82 6.41 -5.20
N ILE A 930 -17.89 7.00 -4.01
CA ILE A 930 -16.72 7.69 -3.46
C ILE A 930 -15.60 6.70 -3.18
N LEU A 931 -15.93 5.56 -2.58
CA LEU A 931 -14.92 4.56 -2.25
C LEU A 931 -14.26 4.01 -3.52
N VAL A 932 -15.05 3.36 -4.37
CA VAL A 932 -14.53 2.77 -5.60
C VAL A 932 -14.58 3.77 -6.73
#